data_9N3O
#
_entry.id   9N3O
#
_cell.length_a   101.760
_cell.length_b   137.200
_cell.length_c   176.840
_cell.angle_alpha   90.000
_cell.angle_beta   90.000
_cell.angle_gamma   90.000
#
_symmetry.space_group_name_H-M   'I 2 2 2'
#
loop_
_entity.id
_entity.type
_entity.pdbx_description
1 polymer 'Protein arginine N-methyltransferase 5'
2 polymer 'Methylosome protein 50'
3 non-polymer "5'-DEOXY-5'-METHYLTHIOADENOSINE"
4 non-polymer N-(4-amino-1H-pyrazolo[4,3-c]pyridin-7-yl)-2-[(2R,5S)-2-(1,3-benzothiazol-5-yl)-5-methylpiperidin-1-yl]-2-oxoacetamide
5 non-polymer 'CHLORIDE ION'
6 non-polymer 1,2-ETHANEDIOL
7 non-polymer GLYCEROL
8 water water
#
loop_
_entity_poly.entity_id
_entity_poly.type
_entity_poly.pdbx_seq_one_letter_code
_entity_poly.pdbx_strand_id
1 'polypeptide(L)'
;MDYKDDDDKAAMAVGGAGGSRVSSGRDLNCVPEIADTLGAVAKQGFDFLCMPVFHPRFKREFIQEPAKNRPGPQTRSDLL
LSGRDWNTLIVGKLSPWIRPDSKVEKIRRNSEAAMLQELNFGAYLGLPAFLLPLNQEDNTNLARVLTNHIHTGHHSSMFW
MRVPLVAPEDLRDDIIENAPTTHTEEYSGEEKTWMWWHNFRTLCDYSKRIAVALEIGADLPSNHVIDRWLGEPIKAAILP
TSIFLTNKKGFPVLSKMHQRLIFRLLKLEVQFIITGTNHHSEKEFCSYLQYLEYLSQNRPPPNAYELFAKGYEDYLQSPL
QPLMDNLESQTYEVFEKDPIKYSQYQQAIYKCLLDRVPEEEKDTNVQVLMVLGAGRGPLVNASLRAAKQADRRIKLYAVE
KNPNAVVTLENWQFEEWGSQVTVVSSDMREWVAPEKADIIVSELLGSFADNELSPECLDGAQHFLKDDGVSIPGEYTSFL
APISSSKLYNEVRACREKDRDPEAQFEMPYVVRLHNFHQLSAPQPCFTFSHPNRDPMIDNNRYCTLEFPVEVNTVLHGFA
GYFETVLYQDITLSIRPETHSPGMFSWFPILFPIKQPITVREGQTICVRFWRCSNSKKVWYEWAVTAPVCSAIHNPTGRS
YTIGL
;
A
2 'polypeptide(L)'
;MHHHHHHHHRKETPPPLVPPAAREWNLPPNAPACMERQLEAARYRSDGALLLGASSLSGRCWAGSLWLFKDPCAAPNEGF
CSAGVQTEAGVADLTWVGERGILVASDSGAVELWELDENETLIVSKFCKYEHDDIVSTVSVLSSGTQAVSGSKDICIKVW
DLAQQVVLSSYRAHAAQVTCVAASPHKDSVFLSCSEDNRILLWDTRCPKPASQIGCSAPGYLPTSLAWHPQQSEVFVFGD
ENGTVSLVDTKSTSCVLSSAVHSQCVTGLVFSPHSVPFLASLSEDCSLAVLDSSLSELFRSQAHRDFVRDATWSPLNHSL
LTTVGWDHQVVHHVVPTEPLPAPGPASVTE
;
B
#
# COMPACT_ATOMS: atom_id res chain seq x y z
N ARG A 21 6.86 -17.72 -7.71
CA ARG A 21 5.55 -17.42 -8.27
C ARG A 21 4.96 -16.16 -7.62
N VAL A 22 4.96 -15.07 -8.38
CA VAL A 22 4.39 -13.81 -7.92
C VAL A 22 2.90 -13.81 -8.18
N SER A 23 2.13 -13.28 -7.23
CA SER A 23 0.73 -12.95 -7.45
C SER A 23 0.64 -11.51 -7.92
N SER A 24 0.05 -11.29 -9.09
CA SER A 24 0.09 -9.97 -9.71
C SER A 24 -1.27 -9.64 -10.31
N GLY A 25 -1.50 -8.34 -10.49
CA GLY A 25 -2.71 -7.86 -11.10
C GLY A 25 -2.42 -6.70 -12.04
N ARG A 26 -3.37 -6.44 -12.92
CA ARG A 26 -3.28 -5.36 -13.90
C ARG A 26 -4.23 -4.23 -13.49
N ASP A 27 -3.72 -3.01 -13.47
CA ASP A 27 -4.52 -1.83 -13.18
C ASP A 27 -4.91 -1.15 -14.48
N LEU A 28 -6.21 -0.95 -14.68
CA LEU A 28 -6.72 -0.32 -15.88
C LEU A 28 -7.80 0.69 -15.51
N ASN A 29 -7.74 1.86 -16.14
CA ASN A 29 -8.80 2.86 -16.03
C ASN A 29 -9.68 2.90 -17.26
N CYS A 30 -9.48 1.97 -18.19
CA CYS A 30 -10.24 1.92 -19.44
C CYS A 30 -10.60 0.48 -19.71
N VAL A 31 -11.87 0.13 -19.56
CA VAL A 31 -12.37 -1.21 -19.83
C VAL A 31 -13.55 -1.11 -20.79
N PRO A 32 -13.32 -1.25 -22.10
CA PRO A 32 -14.45 -1.22 -23.05
C PRO A 32 -15.43 -2.35 -22.82
N GLU A 33 -14.94 -3.59 -22.91
CA GLU A 33 -15.74 -4.77 -22.60
C GLU A 33 -15.04 -5.56 -21.51
N ILE A 34 -15.77 -5.91 -20.46
CA ILE A 34 -15.14 -6.48 -19.27
C ILE A 34 -14.64 -7.89 -19.55
N ALA A 35 -15.38 -8.66 -20.35
CA ALA A 35 -14.98 -10.03 -20.62
C ALA A 35 -13.75 -10.08 -21.52
N ASP A 36 -13.72 -9.28 -22.59
CA ASP A 36 -12.56 -9.21 -23.46
C ASP A 36 -11.33 -8.75 -22.69
N THR A 37 -11.48 -7.69 -21.89
CA THR A 37 -10.35 -7.18 -21.11
C THR A 37 -9.86 -8.21 -20.12
N LEU A 38 -10.77 -8.91 -19.43
CA LEU A 38 -10.37 -9.91 -18.47
C LEU A 38 -9.64 -11.06 -19.15
N GLY A 39 -10.15 -11.51 -20.30
CA GLY A 39 -9.46 -12.56 -21.04
C GLY A 39 -8.08 -12.14 -21.49
N ALA A 40 -7.94 -10.88 -21.94
CA ALA A 40 -6.64 -10.39 -22.37
C ALA A 40 -5.64 -10.35 -21.21
N VAL A 41 -6.07 -9.80 -20.07
CA VAL A 41 -5.14 -9.69 -18.94
C VAL A 41 -4.84 -11.07 -18.36
N ALA A 42 -5.74 -12.04 -18.51
CA ALA A 42 -5.44 -13.40 -18.08
C ALA A 42 -4.45 -14.06 -19.03
N LYS A 43 -4.62 -13.87 -20.34
CA LYS A 43 -3.66 -14.39 -21.31
C LYS A 43 -2.29 -13.78 -21.10
N GLN A 44 -2.22 -12.52 -20.65
CA GLN A 44 -0.94 -11.89 -20.35
C GLN A 44 -0.30 -12.46 -19.09
N GLY A 45 -1.05 -13.17 -18.26
CA GLY A 45 -0.51 -13.81 -17.08
C GLY A 45 -0.91 -13.19 -15.75
N PHE A 46 -1.76 -12.18 -15.73
CA PHE A 46 -2.17 -11.56 -14.48
C PHE A 46 -3.20 -12.42 -13.76
N ASP A 47 -3.13 -12.40 -12.43
CA ASP A 47 -4.05 -13.15 -11.58
C ASP A 47 -5.36 -12.42 -11.33
N PHE A 48 -5.37 -11.10 -11.39
CA PHE A 48 -6.58 -10.32 -11.18
C PHE A 48 -6.48 -9.02 -11.96
N LEU A 49 -7.56 -8.24 -11.92
CA LEU A 49 -7.66 -6.99 -12.68
C LEU A 49 -8.26 -5.91 -11.79
N CYS A 50 -7.54 -4.81 -11.65
CA CYS A 50 -8.06 -3.62 -10.97
C CYS A 50 -8.75 -2.74 -12.00
N MET A 51 -10.04 -2.51 -11.82
CA MET A 51 -10.83 -1.83 -12.85
C MET A 51 -11.89 -0.98 -12.17
N PRO A 52 -12.45 0.00 -12.89
CA PRO A 52 -13.58 0.75 -12.34
C PRO A 52 -14.88 -0.01 -12.48
N VAL A 53 -15.74 0.13 -11.47
CA VAL A 53 -17.08 -0.46 -11.53
C VAL A 53 -18.09 0.49 -12.14
N PHE A 54 -17.84 1.79 -12.12
CA PHE A 54 -18.54 2.79 -12.92
C PHE A 54 -17.52 3.44 -13.83
N HIS A 55 -17.98 3.98 -14.96
CA HIS A 55 -17.07 4.61 -15.89
C HIS A 55 -16.37 5.78 -15.21
N PRO A 56 -15.04 5.88 -15.31
CA PRO A 56 -14.32 6.91 -14.54
C PRO A 56 -14.77 8.34 -14.83
N ARG A 57 -15.24 8.62 -16.05
CA ARG A 57 -15.70 9.95 -16.41
C ARG A 57 -17.20 10.13 -16.23
N PHE A 58 -17.91 9.11 -15.75
CA PHE A 58 -19.36 9.16 -15.62
C PHE A 58 -19.74 9.82 -14.29
N LYS A 59 -19.48 11.12 -14.22
CA LYS A 59 -19.81 11.89 -13.03
C LYS A 59 -21.32 11.94 -12.84
N ARG A 60 -21.78 11.61 -11.64
CA ARG A 60 -23.20 11.48 -11.36
C ARG A 60 -23.64 12.51 -10.33
N GLU A 61 -24.89 12.96 -10.48
CA GLU A 61 -25.49 13.95 -9.59
C GLU A 61 -26.54 13.29 -8.71
N PHE A 62 -26.55 13.67 -7.43
CA PHE A 62 -27.46 13.07 -6.47
C PHE A 62 -28.42 14.07 -5.82
N ILE A 63 -28.23 15.37 -6.00
CA ILE A 63 -29.01 16.39 -5.33
C ILE A 63 -29.79 17.24 -6.33
N GLN A 64 -29.10 17.81 -7.32
CA GLN A 64 -29.66 18.86 -8.16
C GLN A 64 -30.30 18.27 -9.41
N GLU A 65 -31.56 18.62 -9.63
CA GLU A 65 -32.23 18.36 -10.90
C GLU A 65 -31.70 19.32 -11.97
N PRO A 66 -31.75 18.92 -13.25
CA PRO A 66 -32.30 17.68 -13.82
C PRO A 66 -31.31 16.52 -13.89
N ALA A 67 -30.00 16.75 -13.78
CA ALA A 67 -29.03 15.68 -13.91
C ALA A 67 -29.19 14.61 -12.84
N LYS A 68 -29.83 14.95 -11.72
CA LYS A 68 -30.11 13.97 -10.68
C LYS A 68 -30.95 12.81 -11.19
N ASN A 69 -31.81 13.08 -12.18
CA ASN A 69 -32.70 12.07 -12.74
C ASN A 69 -32.17 11.51 -14.06
N ARG A 70 -30.86 11.36 -14.19
CA ARG A 70 -30.29 10.81 -15.41
C ARG A 70 -30.77 9.37 -15.60
N PRO A 71 -31.32 9.02 -16.76
CA PRO A 71 -31.83 7.66 -16.95
C PRO A 71 -30.71 6.62 -16.89
N GLY A 72 -31.04 5.47 -16.31
CA GLY A 72 -30.10 4.38 -16.21
C GLY A 72 -29.90 3.69 -17.54
N PRO A 73 -29.08 2.63 -17.51
CA PRO A 73 -28.36 2.06 -16.36
C PRO A 73 -27.17 2.91 -15.92
N GLN A 74 -26.87 2.92 -14.63
CA GLN A 74 -25.78 3.75 -14.11
C GLN A 74 -24.41 3.12 -14.34
N THR A 75 -24.35 1.81 -14.59
CA THR A 75 -23.11 1.12 -14.91
C THR A 75 -23.46 -0.20 -15.57
N ARG A 76 -22.44 -1.02 -15.82
CA ARG A 76 -22.71 -2.26 -16.52
C ARG A 76 -23.24 -3.32 -15.55
N SER A 77 -23.70 -4.41 -16.12
CA SER A 77 -24.45 -5.39 -15.36
C SER A 77 -23.53 -6.36 -14.63
N ASP A 78 -24.03 -6.89 -13.51
CA ASP A 78 -23.30 -7.92 -12.78
C ASP A 78 -23.38 -9.27 -13.47
N LEU A 79 -24.31 -9.44 -14.42
CA LEU A 79 -24.42 -10.68 -15.16
C LEU A 79 -23.29 -10.86 -16.17
N LEU A 80 -22.45 -9.85 -16.37
CA LEU A 80 -21.36 -9.96 -17.33
C LEU A 80 -20.26 -10.90 -16.86
N LEU A 81 -20.20 -11.19 -15.57
CA LEU A 81 -19.22 -12.12 -15.02
C LEU A 81 -19.91 -13.05 -14.04
N SER A 82 -19.33 -14.24 -13.88
CA SER A 82 -19.81 -15.16 -12.85
C SER A 82 -19.45 -14.62 -11.47
N GLY A 83 -20.24 -15.02 -10.47
CA GLY A 83 -19.95 -14.64 -9.10
C GLY A 83 -18.56 -15.05 -8.66
N ARG A 84 -18.08 -16.20 -9.15
CA ARG A 84 -16.71 -16.62 -8.91
C ARG A 84 -15.72 -15.57 -9.44
N ASP A 85 -15.95 -15.08 -10.65
CA ASP A 85 -15.05 -14.09 -11.23
C ASP A 85 -15.07 -12.79 -10.45
N TRP A 86 -16.25 -12.33 -10.03
CA TRP A 86 -16.33 -11.14 -9.19
C TRP A 86 -15.59 -11.35 -7.87
N ASN A 87 -15.73 -12.55 -7.28
CA ASN A 87 -15.12 -12.79 -5.97
C ASN A 87 -13.61 -12.90 -6.05
N THR A 88 -13.07 -13.37 -7.17
CA THR A 88 -11.65 -13.72 -7.23
C THR A 88 -10.79 -12.83 -8.11
N LEU A 89 -11.33 -12.27 -9.20
CA LEU A 89 -10.50 -11.67 -10.23
C LEU A 89 -10.63 -10.16 -10.36
N ILE A 90 -11.63 -9.54 -9.73
CA ILE A 90 -11.93 -8.12 -9.95
C ILE A 90 -11.66 -7.34 -8.68
N VAL A 91 -10.86 -6.29 -8.79
CA VAL A 91 -10.62 -5.33 -7.72
C VAL A 91 -11.21 -4.00 -8.15
N GLY A 92 -12.23 -3.54 -7.42
CA GLY A 92 -12.89 -2.31 -7.78
C GLY A 92 -12.03 -1.09 -7.48
N LYS A 93 -12.19 -0.07 -8.32
CA LYS A 93 -11.50 1.20 -8.15
C LYS A 93 -12.50 2.33 -7.96
N LEU A 94 -12.21 3.22 -7.01
CA LEU A 94 -13.03 4.39 -6.81
C LEU A 94 -12.87 5.36 -7.98
N SER A 95 -13.97 5.95 -8.41
CA SER A 95 -13.92 6.88 -9.53
C SER A 95 -13.07 8.09 -9.15
N PRO A 96 -12.21 8.57 -10.06
CA PRO A 96 -11.26 9.63 -9.69
C PRO A 96 -11.91 10.99 -9.44
N TRP A 97 -13.17 11.18 -9.84
CA TRP A 97 -13.84 12.46 -9.61
C TRP A 97 -14.50 12.54 -8.23
N ILE A 98 -14.57 11.43 -7.50
CA ILE A 98 -15.18 11.41 -6.17
C ILE A 98 -14.18 12.02 -5.18
N ARG A 99 -14.48 13.23 -4.71
CA ARG A 99 -13.62 13.95 -3.76
CA ARG A 99 -13.62 13.95 -3.77
C ARG A 99 -14.43 14.25 -2.51
N PRO A 100 -14.49 13.30 -1.56
CA PRO A 100 -15.28 13.53 -0.34
C PRO A 100 -14.73 14.62 0.55
N ASP A 101 -13.50 15.07 0.34
CA ASP A 101 -12.91 16.14 1.14
C ASP A 101 -12.69 17.41 0.32
N SER A 102 -13.50 17.60 -0.72
CA SER A 102 -13.44 18.81 -1.50
C SER A 102 -13.83 20.02 -0.66
N LYS A 103 -13.21 21.16 -0.96
CA LYS A 103 -13.57 22.40 -0.28
C LYS A 103 -14.96 22.91 -0.66
N VAL A 104 -15.55 22.37 -1.74
CA VAL A 104 -16.88 22.77 -2.17
C VAL A 104 -17.90 21.84 -1.52
N GLU A 105 -18.92 22.43 -0.91
CA GLU A 105 -19.91 21.63 -0.18
C GLU A 105 -20.74 20.77 -1.13
N LYS A 106 -21.13 21.33 -2.29
CA LYS A 106 -21.85 20.54 -3.28
C LYS A 106 -21.06 19.31 -3.69
N ILE A 107 -19.81 19.50 -4.10
CA ILE A 107 -18.95 18.40 -4.49
C ILE A 107 -18.74 17.44 -3.32
N ARG A 108 -18.65 17.99 -2.11
CA ARG A 108 -18.46 17.15 -0.93
C ARG A 108 -19.62 16.19 -0.73
N ARG A 109 -20.84 16.71 -0.69
CA ARG A 109 -22.01 15.86 -0.47
C ARG A 109 -22.21 14.89 -1.64
N ASN A 110 -22.03 15.38 -2.87
CA ASN A 110 -22.22 14.51 -4.03
C ASN A 110 -21.19 13.39 -4.05
N SER A 111 -19.95 13.68 -3.64
CA SER A 111 -18.92 12.66 -3.60
C SER A 111 -19.15 11.70 -2.45
N GLU A 112 -19.70 12.16 -1.32
CA GLU A 112 -20.13 11.24 -0.27
C GLU A 112 -21.13 10.23 -0.83
N ALA A 113 -22.18 10.73 -1.49
CA ALA A 113 -23.19 9.85 -2.04
C ALA A 113 -22.60 8.89 -3.07
N ALA A 114 -21.72 9.39 -3.94
CA ALA A 114 -21.15 8.56 -5.00
C ALA A 114 -20.20 7.52 -4.44
N MET A 115 -19.43 7.87 -3.41
CA MET A 115 -18.54 6.91 -2.78
C MET A 115 -19.33 5.81 -2.08
N LEU A 116 -20.39 6.17 -1.38
CA LEU A 116 -21.28 5.15 -0.82
C LEU A 116 -21.85 4.26 -1.91
N GLN A 117 -22.27 4.86 -3.03
CA GLN A 117 -22.85 4.09 -4.14
C GLN A 117 -21.84 3.09 -4.68
N GLU A 118 -20.61 3.53 -4.93
CA GLU A 118 -19.61 2.65 -5.54
C GLU A 118 -19.15 1.58 -4.56
N LEU A 119 -18.98 1.92 -3.29
CA LEU A 119 -18.61 0.92 -2.30
C LEU A 119 -19.72 -0.12 -2.13
N ASN A 120 -20.97 0.32 -2.16
CA ASN A 120 -22.09 -0.62 -2.03
C ASN A 120 -22.24 -1.49 -3.27
N PHE A 121 -21.91 -0.95 -4.45
CA PHE A 121 -21.92 -1.80 -5.64
C PHE A 121 -20.79 -2.82 -5.59
N GLY A 122 -19.62 -2.41 -5.06
CA GLY A 122 -18.54 -3.37 -4.88
C GLY A 122 -18.89 -4.47 -3.91
N ALA A 123 -19.54 -4.12 -2.79
CA ALA A 123 -19.99 -5.13 -1.85
C ALA A 123 -21.09 -6.01 -2.45
N TYR A 124 -21.94 -5.41 -3.29
CA TYR A 124 -22.99 -6.18 -3.97
C TYR A 124 -22.38 -7.20 -4.93
N LEU A 125 -21.29 -6.82 -5.59
CA LEU A 125 -20.57 -7.74 -6.47
C LEU A 125 -19.74 -8.76 -5.70
N GLY A 126 -19.51 -8.56 -4.41
CA GLY A 126 -18.67 -9.46 -3.66
C GLY A 126 -17.20 -9.35 -4.01
N LEU A 127 -16.73 -8.16 -4.36
CA LEU A 127 -15.34 -7.96 -4.74
C LEU A 127 -14.43 -8.22 -3.54
N PRO A 128 -13.28 -8.88 -3.75
CA PRO A 128 -12.38 -9.16 -2.63
C PRO A 128 -11.62 -7.94 -2.14
N ALA A 129 -11.48 -6.91 -2.97
CA ALA A 129 -10.77 -5.71 -2.58
C ALA A 129 -11.30 -4.53 -3.38
N PHE A 130 -11.10 -3.33 -2.83
CA PHE A 130 -11.54 -2.10 -3.46
C PHE A 130 -10.48 -1.03 -3.24
N LEU A 131 -10.05 -0.39 -4.33
CA LEU A 131 -8.98 0.59 -4.28
C LEU A 131 -9.53 1.99 -4.06
N LEU A 132 -8.97 2.69 -3.09
CA LEU A 132 -9.28 4.09 -2.83
C LEU A 132 -8.00 4.88 -2.70
N PRO A 133 -7.91 6.07 -3.31
CA PRO A 133 -6.66 6.83 -3.27
C PRO A 133 -6.51 7.70 -2.04
N LEU A 134 -5.28 7.80 -1.57
CA LEU A 134 -4.86 8.80 -0.58
C LEU A 134 -3.84 9.68 -1.29
N ASN A 135 -4.32 10.73 -1.95
CA ASN A 135 -3.48 11.62 -2.75
C ASN A 135 -3.40 13.03 -2.16
N GLN A 136 -3.84 13.22 -0.92
CA GLN A 136 -3.68 14.51 -0.25
C GLN A 136 -3.60 14.26 1.25
N GLU A 137 -3.33 15.33 1.99
CA GLU A 137 -3.17 15.19 3.44
C GLU A 137 -4.51 14.95 4.13
N ASP A 138 -5.52 15.73 3.80
CA ASP A 138 -6.81 15.68 4.47
C ASP A 138 -7.72 14.70 3.75
N ASN A 139 -7.99 13.56 4.39
CA ASN A 139 -8.97 12.59 3.92
C ASN A 139 -9.92 12.23 5.06
N THR A 140 -10.31 13.23 5.85
CA THR A 140 -11.14 12.98 7.02
C THR A 140 -12.53 12.52 6.63
N ASN A 141 -13.16 13.20 5.67
CA ASN A 141 -14.50 12.82 5.26
C ASN A 141 -14.49 11.51 4.48
N LEU A 142 -13.45 11.28 3.69
CA LEU A 142 -13.27 9.97 3.05
C LEU A 142 -13.22 8.88 4.09
N ALA A 143 -12.46 9.10 5.15
CA ALA A 143 -12.37 8.12 6.23
C ALA A 143 -13.71 7.93 6.93
N ARG A 144 -14.47 9.02 7.09
CA ARG A 144 -15.77 8.92 7.73
C ARG A 144 -16.72 8.07 6.89
N VAL A 145 -16.76 8.31 5.59
CA VAL A 145 -17.64 7.53 4.72
C VAL A 145 -17.21 6.08 4.69
N LEU A 146 -15.90 5.82 4.59
CA LEU A 146 -15.43 4.45 4.54
C LEU A 146 -15.71 3.71 5.86
N THR A 147 -15.54 4.40 6.99
CA THR A 147 -15.81 3.78 8.28
C THR A 147 -17.29 3.49 8.45
N ASN A 148 -18.16 4.38 7.96
CA ASN A 148 -19.59 4.11 8.00
C ASN A 148 -19.94 2.92 7.11
N HIS A 149 -19.28 2.79 5.96
CA HIS A 149 -19.53 1.66 5.08
C HIS A 149 -19.05 0.35 5.69
N ILE A 150 -17.94 0.40 6.43
CA ILE A 150 -17.40 -0.80 7.05
C ILE A 150 -18.35 -1.33 8.11
N HIS A 151 -18.97 -0.43 8.89
CA HIS A 151 -19.90 -0.81 9.94
C HIS A 151 -21.33 -0.95 9.44
N THR A 152 -21.51 -1.18 8.14
CA THR A 152 -22.83 -1.42 7.54
C THR A 152 -22.79 -2.84 6.95
N GLY A 153 -23.18 -3.82 7.76
CA GLY A 153 -23.14 -5.20 7.33
C GLY A 153 -21.74 -5.79 7.43
N HIS A 154 -21.60 -6.87 8.19
CA HIS A 154 -20.29 -7.48 8.38
C HIS A 154 -19.82 -8.13 7.08
N HIS A 155 -18.67 -7.68 6.58
CA HIS A 155 -18.05 -8.25 5.40
C HIS A 155 -16.56 -8.43 5.66
N SER A 156 -15.94 -9.30 4.85
CA SER A 156 -14.51 -9.56 4.94
C SER A 156 -13.71 -8.93 3.81
N SER A 157 -14.36 -8.15 2.94
CA SER A 157 -13.67 -7.53 1.82
C SER A 157 -12.64 -6.52 2.31
N MET A 158 -11.57 -6.37 1.53
CA MET A 158 -10.47 -5.49 1.88
C MET A 158 -10.61 -4.15 1.17
N PHE A 159 -9.98 -3.13 1.74
CA PHE A 159 -9.92 -1.80 1.15
C PHE A 159 -8.45 -1.41 1.02
N TRP A 160 -7.96 -1.35 -0.21
CA TRP A 160 -6.57 -1.01 -0.49
C TRP A 160 -6.48 0.50 -0.68
N MET A 161 -5.84 1.19 0.26
CA MET A 161 -5.61 2.62 0.15
C MET A 161 -4.39 2.84 -0.74
N ARG A 162 -4.61 3.43 -1.90
CA ARG A 162 -3.54 3.68 -2.87
C ARG A 162 -2.75 4.90 -2.41
N VAL A 163 -1.57 4.65 -1.83
CA VAL A 163 -0.76 5.69 -1.22
C VAL A 163 0.56 5.75 -2.00
N PRO A 164 0.97 6.91 -2.50
CA PRO A 164 2.26 7.00 -3.19
C PRO A 164 3.41 7.05 -2.20
N LEU A 165 4.50 6.34 -2.55
CA LEU A 165 5.71 6.41 -1.74
C LEU A 165 6.26 7.84 -1.70
N VAL A 166 6.10 8.58 -2.80
CA VAL A 166 6.45 9.99 -2.87
C VAL A 166 5.25 10.74 -3.44
N ALA A 167 4.83 11.80 -2.75
CA ALA A 167 3.70 12.59 -3.23
C ALA A 167 4.04 13.21 -4.59
N PRO A 168 3.05 13.34 -5.48
CA PRO A 168 3.33 13.96 -6.79
C PRO A 168 3.86 15.37 -6.69
N GLU A 169 3.47 16.13 -5.66
CA GLU A 169 4.00 17.48 -5.50
C GLU A 169 5.51 17.45 -5.28
N ASP A 170 6.00 16.49 -4.50
CA ASP A 170 7.43 16.32 -4.28
C ASP A 170 8.10 15.51 -5.37
N LEU A 171 7.37 15.17 -6.43
CA LEU A 171 7.87 14.35 -7.52
C LEU A 171 7.83 15.06 -8.87
N ARG A 172 7.26 16.26 -8.92
CA ARG A 172 7.09 16.98 -10.17
C ARG A 172 8.42 17.45 -10.73
N ASP A 173 8.45 17.68 -12.04
CA ASP A 173 9.61 18.26 -12.68
C ASP A 173 9.81 19.70 -12.22
N ASP A 174 11.07 20.10 -12.08
CA ASP A 174 11.40 21.46 -11.68
C ASP A 174 11.37 22.36 -12.93
N ILE A 175 10.16 22.59 -13.42
CA ILE A 175 9.98 23.29 -14.68
C ILE A 175 8.99 24.44 -14.53
N ILE A 176 8.61 24.76 -13.29
CA ILE A 176 7.78 25.93 -13.01
C ILE A 176 8.72 27.05 -12.59
N GLU A 177 8.87 28.05 -13.46
CA GLU A 177 9.88 29.08 -13.27
C GLU A 177 9.70 29.83 -11.95
N ASN A 178 8.46 30.18 -11.62
CA ASN A 178 8.18 30.97 -10.42
C ASN A 178 7.74 30.12 -9.23
N ALA A 179 7.86 28.80 -9.33
CA ALA A 179 7.57 27.91 -8.19
C ALA A 179 8.60 26.79 -8.21
N PRO A 180 9.81 27.06 -7.73
CA PRO A 180 10.87 26.04 -7.78
C PRO A 180 10.64 24.94 -6.76
N THR A 181 11.13 23.75 -7.10
CA THR A 181 11.10 22.63 -6.18
C THR A 181 12.21 22.78 -5.15
N THR A 182 11.87 22.59 -3.88
CA THR A 182 12.83 22.80 -2.80
C THR A 182 13.95 21.77 -2.87
N HIS A 183 15.18 22.24 -2.90
CA HIS A 183 16.36 21.38 -2.83
C HIS A 183 16.84 21.16 -1.41
N THR A 184 16.12 21.69 -0.42
CA THR A 184 16.53 21.58 0.97
C THR A 184 15.97 20.30 1.59
N GLU A 185 16.80 19.68 2.44
CA GLU A 185 16.41 18.43 3.09
C GLU A 185 15.24 18.66 4.04
N GLU A 186 14.18 17.87 3.85
CA GLU A 186 12.99 17.90 4.72
C GLU A 186 12.77 16.47 5.20
N TYR A 187 13.38 16.12 6.33
CA TYR A 187 13.36 14.73 6.79
C TYR A 187 11.93 14.25 7.04
N SER A 188 11.15 15.01 7.81
CA SER A 188 9.79 14.61 8.11
C SER A 188 8.84 14.91 6.94
N GLY A 189 9.11 15.97 6.17
CA GLY A 189 8.29 16.25 5.02
C GLY A 189 8.34 15.16 3.97
N GLU A 190 9.53 14.60 3.75
CA GLU A 190 9.68 13.50 2.79
C GLU A 190 8.92 12.25 3.20
N GLU A 191 8.46 12.18 4.45
CA GLU A 191 7.65 11.07 4.93
C GLU A 191 6.16 11.40 4.92
N LYS A 192 5.77 12.54 4.34
CA LYS A 192 4.42 13.06 4.52
C LYS A 192 3.35 12.04 4.13
N THR A 193 3.57 11.31 3.04
CA THR A 193 2.54 10.37 2.57
C THR A 193 2.25 9.30 3.62
N TRP A 194 3.29 8.83 4.32
CA TRP A 194 3.05 7.90 5.42
C TRP A 194 2.08 8.49 6.42
N MET A 195 2.30 9.75 6.80
CA MET A 195 1.35 10.42 7.68
CA MET A 195 1.36 10.44 7.67
C MET A 195 -0.05 10.42 7.08
N TRP A 196 -0.15 10.68 5.77
CA TRP A 196 -1.44 10.58 5.08
C TRP A 196 -2.12 9.27 5.41
N TRP A 197 -1.37 8.17 5.31
CA TRP A 197 -1.90 6.87 5.68
C TRP A 197 -2.16 6.78 7.18
N HIS A 198 -1.17 7.21 7.99
CA HIS A 198 -1.25 6.99 9.43
C HIS A 198 -2.47 7.67 10.02
N ASN A 199 -2.74 8.90 9.59
CA ASN A 199 -3.95 9.58 10.04
C ASN A 199 -5.19 8.82 9.59
N PHE A 200 -5.24 8.43 8.32
CA PHE A 200 -6.43 7.78 7.77
C PHE A 200 -6.77 6.53 8.57
N ARG A 201 -5.82 5.59 8.67
CA ARG A 201 -6.06 4.38 9.43
C ARG A 201 -6.35 4.68 10.90
N THR A 202 -5.86 5.80 11.41
CA THR A 202 -6.20 6.18 12.79
C THR A 202 -7.65 6.66 12.86
N LEU A 203 -8.09 7.42 11.86
CA LEU A 203 -9.48 7.86 11.82
C LEU A 203 -10.43 6.68 11.71
N CYS A 204 -10.04 5.66 10.93
CA CYS A 204 -10.85 4.46 10.74
C CYS A 204 -10.65 3.44 11.85
N ASP A 205 -9.92 3.80 12.91
CA ASP A 205 -9.80 2.99 14.13
C ASP A 205 -9.12 1.64 13.86
N TYR A 206 -8.07 1.67 13.04
CA TYR A 206 -7.22 0.48 12.79
C TYR A 206 -8.04 -0.70 12.30
N SER A 207 -8.98 -0.44 11.40
CA SER A 207 -9.80 -1.52 10.84
C SER A 207 -8.93 -2.52 10.11
N LYS A 208 -9.11 -3.81 10.42
CA LYS A 208 -8.34 -4.86 9.77
C LYS A 208 -8.64 -4.96 8.28
N ARG A 209 -9.76 -4.39 7.83
CA ARG A 209 -10.15 -4.45 6.42
C ARG A 209 -9.52 -3.35 5.58
N ILE A 210 -8.61 -2.56 6.17
CA ILE A 210 -7.97 -1.44 5.47
C ILE A 210 -6.47 -1.72 5.41
N ALA A 211 -5.93 -1.79 4.20
CA ALA A 211 -4.53 -2.10 3.97
C ALA A 211 -3.95 -1.08 3.01
N VAL A 212 -2.65 -1.21 2.73
CA VAL A 212 -1.90 -0.25 1.93
C VAL A 212 -1.62 -0.84 0.57
N ALA A 213 -1.85 -0.05 -0.48
CA ALA A 213 -1.35 -0.32 -1.82
C ALA A 213 -0.31 0.78 -2.09
N LEU A 214 0.96 0.42 -1.90
CA LEU A 214 2.05 1.39 -1.99
C LEU A 214 2.45 1.56 -3.45
N GLU A 215 2.27 2.77 -3.97
CA GLU A 215 2.64 3.08 -5.35
C GLU A 215 4.06 3.62 -5.40
N ILE A 216 4.86 3.09 -6.32
CA ILE A 216 6.29 3.35 -6.38
C ILE A 216 6.59 4.15 -7.64
N GLY A 217 7.28 5.28 -7.47
CA GLY A 217 7.58 6.17 -8.57
C GLY A 217 8.94 5.89 -9.20
N ALA A 218 9.24 6.69 -10.23
CA ALA A 218 10.50 6.54 -10.95
C ALA A 218 11.70 6.91 -10.07
N ASP A 219 11.54 7.90 -9.18
CA ASP A 219 12.62 8.34 -8.30
C ASP A 219 12.29 7.90 -6.89
N LEU A 220 13.11 7.01 -6.34
CA LEU A 220 12.88 6.52 -4.99
C LEU A 220 13.33 7.56 -3.96
N PRO A 221 12.63 7.66 -2.83
CA PRO A 221 13.05 8.62 -1.80
C PRO A 221 14.21 8.09 -0.98
N SER A 222 14.56 8.78 0.09
CA SER A 222 15.61 8.31 0.99
C SER A 222 15.18 7.00 1.65
N ASN A 223 16.17 6.31 2.22
CA ASN A 223 15.90 5.00 2.80
C ASN A 223 14.96 5.08 4.00
N HIS A 224 14.99 6.19 4.74
CA HIS A 224 14.12 6.30 5.91
C HIS A 224 12.66 6.44 5.50
N VAL A 225 12.39 7.11 4.36
CA VAL A 225 11.03 7.19 3.86
C VAL A 225 10.50 5.80 3.51
N ILE A 226 11.36 4.94 2.96
CA ILE A 226 10.95 3.58 2.63
C ILE A 226 10.74 2.75 3.90
N ASP A 227 11.68 2.84 4.83
CA ASP A 227 11.57 2.10 6.09
C ASP A 227 10.38 2.58 6.92
N ARG A 228 9.88 3.79 6.66
CA ARG A 228 8.68 4.27 7.33
C ARG A 228 7.50 3.34 7.14
N TRP A 229 7.50 2.53 6.06
CA TRP A 229 6.41 1.62 5.77
C TRP A 229 6.65 0.21 6.29
N LEU A 230 7.77 -0.02 6.97
CA LEU A 230 7.99 -1.31 7.63
C LEU A 230 6.96 -1.50 8.74
N GLY A 231 6.45 -2.72 8.84
CA GLY A 231 5.41 -3.03 9.81
C GLY A 231 4.02 -2.55 9.44
N GLU A 232 3.85 -1.97 8.24
CA GLU A 232 2.54 -1.50 7.79
C GLU A 232 1.84 -2.59 6.99
N PRO A 233 0.50 -2.63 7.06
CA PRO A 233 -0.23 -3.68 6.33
C PRO A 233 -0.23 -3.46 4.82
N ILE A 234 0.92 -3.69 4.18
CA ILE A 234 1.05 -3.52 2.74
C ILE A 234 0.54 -4.79 2.07
N LYS A 235 -0.63 -4.70 1.43
CA LYS A 235 -1.15 -5.84 0.69
C LYS A 235 -0.83 -5.78 -0.80
N ALA A 236 -0.49 -4.61 -1.33
CA ALA A 236 -0.22 -4.47 -2.74
C ALA A 236 0.87 -3.43 -2.97
N ALA A 237 1.62 -3.62 -4.05
CA ALA A 237 2.63 -2.67 -4.51
C ALA A 237 2.34 -2.37 -5.98
N ILE A 238 2.20 -1.08 -6.30
CA ILE A 238 1.79 -0.64 -7.62
C ILE A 238 3.04 -0.17 -8.37
N LEU A 239 3.32 -0.82 -9.50
CA LEU A 239 4.50 -0.51 -10.30
C LEU A 239 4.06 0.08 -11.64
N PRO A 240 4.17 1.40 -11.84
CA PRO A 240 3.89 1.96 -13.17
C PRO A 240 4.91 1.48 -14.19
N THR A 241 4.43 1.31 -15.42
CA THR A 241 5.32 0.91 -16.52
C THR A 241 6.37 1.97 -16.80
N SER A 242 6.14 3.22 -16.41
CA SER A 242 7.07 4.30 -16.70
C SER A 242 8.34 4.22 -15.86
N ILE A 243 8.32 3.52 -14.72
CA ILE A 243 9.50 3.41 -13.89
C ILE A 243 10.47 2.36 -14.38
N PHE A 244 10.08 1.55 -15.37
CA PHE A 244 10.94 0.49 -15.87
C PHE A 244 11.97 1.05 -16.85
N LEU A 245 13.24 0.72 -16.63
CA LEU A 245 14.29 1.05 -17.58
C LEU A 245 14.22 0.09 -18.77
N THR A 246 15.15 0.25 -19.70
CA THR A 246 15.22 -0.60 -20.88
C THR A 246 16.63 -1.12 -21.06
N ASN A 247 16.75 -2.39 -21.39
CA ASN A 247 18.04 -3.05 -21.56
C ASN A 247 18.44 -3.03 -23.03
N LYS A 248 19.37 -3.90 -23.42
CA LYS A 248 19.84 -3.94 -24.80
C LYS A 248 18.75 -4.49 -25.72
N LYS A 249 18.21 -5.66 -25.40
CA LYS A 249 17.22 -6.33 -26.25
C LYS A 249 15.90 -5.60 -26.30
N GLY A 250 15.75 -4.53 -25.51
CA GLY A 250 14.52 -3.77 -25.44
C GLY A 250 13.56 -4.23 -24.36
N PHE A 251 13.95 -5.21 -23.55
CA PHE A 251 13.07 -5.69 -22.49
C PHE A 251 13.01 -4.69 -21.35
N PRO A 252 11.86 -4.58 -20.68
CA PRO A 252 11.77 -3.68 -19.51
C PRO A 252 12.43 -4.31 -18.29
N VAL A 253 13.27 -3.53 -17.63
CA VAL A 253 13.92 -3.94 -16.39
C VAL A 253 13.78 -2.81 -15.36
N LEU A 254 14.40 -3.01 -14.20
CA LEU A 254 14.33 -2.03 -13.13
C LEU A 254 15.74 -1.70 -12.66
N SER A 255 15.89 -0.50 -12.07
CA SER A 255 17.16 -0.12 -11.49
C SER A 255 17.46 -0.98 -10.27
N LYS A 256 18.74 -0.97 -9.87
CA LYS A 256 19.16 -1.84 -8.77
C LYS A 256 18.50 -1.47 -7.45
N MET A 257 18.24 -0.17 -7.24
CA MET A 257 17.50 0.23 -6.04
C MET A 257 16.05 -0.22 -6.12
N HIS A 258 15.43 -0.12 -7.30
CA HIS A 258 14.10 -0.68 -7.48
C HIS A 258 14.11 -2.19 -7.27
N GLN A 259 15.20 -2.87 -7.63
CA GLN A 259 15.30 -4.31 -7.36
C GLN A 259 15.39 -4.58 -5.87
N ARG A 260 16.14 -3.75 -5.13
CA ARG A 260 16.16 -3.84 -3.68
C ARG A 260 14.75 -3.74 -3.12
N LEU A 261 14.00 -2.74 -3.58
CA LEU A 261 12.64 -2.55 -3.08
C LEU A 261 11.74 -3.72 -3.45
N ILE A 262 11.91 -4.27 -4.65
CA ILE A 262 11.11 -5.41 -5.07
C ILE A 262 11.41 -6.63 -4.21
N PHE A 263 12.68 -6.85 -3.89
CA PHE A 263 13.03 -7.96 -3.00
C PHE A 263 12.42 -7.76 -1.61
N ARG A 264 12.51 -6.54 -1.08
CA ARG A 264 11.91 -6.26 0.21
C ARG A 264 10.40 -6.52 0.21
N LEU A 265 9.72 -6.12 -0.86
CA LEU A 265 8.28 -6.34 -0.95
C LEU A 265 7.95 -7.82 -1.14
N LEU A 266 8.80 -8.56 -1.87
CA LEU A 266 8.61 -9.99 -2.03
C LEU A 266 8.76 -10.72 -0.70
N LYS A 267 9.65 -10.24 0.17
CA LYS A 267 9.72 -10.83 1.50
C LYS A 267 8.44 -10.62 2.30
N LEU A 268 7.63 -9.63 1.93
CA LEU A 268 6.34 -9.39 2.58
C LEU A 268 5.18 -10.09 1.88
N GLU A 269 5.45 -10.84 0.81
CA GLU A 269 4.43 -11.58 0.07
C GLU A 269 3.29 -10.66 -0.38
N VAL A 270 3.66 -9.51 -0.94
CA VAL A 270 2.70 -8.55 -1.43
C VAL A 270 2.31 -8.91 -2.86
N GLN A 271 1.13 -8.44 -3.28
CA GLN A 271 0.70 -8.59 -4.66
C GLN A 271 1.14 -7.37 -5.46
N PHE A 272 1.70 -7.60 -6.63
CA PHE A 272 2.24 -6.52 -7.45
C PHE A 272 1.22 -6.12 -8.52
N ILE A 273 0.94 -4.83 -8.62
CA ILE A 273 -0.03 -4.29 -9.56
C ILE A 273 0.72 -3.50 -10.61
N ILE A 274 0.53 -3.86 -11.88
CA ILE A 274 1.15 -3.17 -13.00
C ILE A 274 0.14 -2.18 -13.56
N THR A 275 0.49 -0.89 -13.52
CA THR A 275 -0.37 0.17 -14.04
C THR A 275 0.35 0.92 -15.15
N GLY A 276 -0.43 1.58 -16.00
CA GLY A 276 0.11 2.30 -17.13
C GLY A 276 0.12 1.47 -18.40
N THR A 277 0.27 2.17 -19.53
CA THR A 277 0.26 1.51 -20.82
C THR A 277 1.66 0.98 -21.15
N ASN A 278 1.74 0.25 -22.26
CA ASN A 278 3.00 -0.36 -22.69
C ASN A 278 3.84 0.69 -23.39
N HIS A 279 4.92 1.12 -22.73
CA HIS A 279 5.90 2.01 -23.34
C HIS A 279 7.05 1.27 -24.01
N HIS A 280 7.15 -0.05 -23.77
CA HIS A 280 8.07 -0.90 -24.51
C HIS A 280 7.28 -1.63 -25.61
N SER A 281 6.79 -0.84 -26.56
CA SER A 281 5.82 -1.29 -27.53
C SER A 281 6.35 -2.36 -28.48
N GLU A 282 7.67 -2.58 -28.54
CA GLU A 282 8.19 -3.64 -29.39
C GLU A 282 7.87 -5.02 -28.81
N LYS A 283 7.94 -5.16 -27.50
CA LYS A 283 7.73 -6.44 -26.84
C LYS A 283 6.27 -6.61 -26.44
N GLU A 284 5.92 -7.83 -26.04
CA GLU A 284 4.62 -8.10 -25.44
C GLU A 284 4.51 -7.37 -24.10
N PHE A 285 3.28 -7.30 -23.59
CA PHE A 285 3.07 -6.64 -22.30
C PHE A 285 3.56 -7.52 -21.15
N CYS A 286 3.28 -8.83 -21.23
CA CYS A 286 3.68 -9.77 -20.19
C CYS A 286 5.15 -9.64 -19.82
N SER A 287 5.98 -9.12 -20.74
CA SER A 287 7.37 -8.79 -20.46
C SER A 287 7.53 -8.17 -19.09
N TYR A 288 6.83 -7.07 -18.84
CA TYR A 288 6.82 -6.45 -17.51
C TYR A 288 6.67 -7.49 -16.43
N LEU A 289 5.52 -8.18 -16.42
CA LEU A 289 5.26 -9.19 -15.41
C LEU A 289 6.37 -10.24 -15.39
N GLN A 290 6.83 -10.68 -16.56
CA GLN A 290 7.87 -11.69 -16.62
C GLN A 290 9.10 -11.25 -15.83
N TYR A 291 9.49 -9.98 -15.98
CA TYR A 291 10.64 -9.48 -15.24
C TYR A 291 10.48 -9.73 -13.75
N LEU A 292 9.29 -9.40 -13.21
CA LEU A 292 9.04 -9.65 -11.79
C LEU A 292 9.22 -11.13 -11.46
N GLU A 293 8.63 -12.01 -12.27
CA GLU A 293 8.82 -13.44 -12.05
C GLU A 293 10.30 -13.79 -12.09
N TYR A 294 11.03 -13.21 -13.05
CA TYR A 294 12.49 -13.33 -13.06
C TYR A 294 13.06 -12.93 -11.71
N LEU A 295 12.76 -11.71 -11.28
CA LEU A 295 13.23 -11.23 -9.98
C LEU A 295 12.80 -12.15 -8.85
N SER A 296 11.66 -12.83 -9.00
CA SER A 296 11.21 -13.73 -7.94
C SER A 296 11.94 -15.06 -7.98
N GLN A 297 12.35 -15.52 -9.16
CA GLN A 297 13.02 -16.81 -9.22
C GLN A 297 14.51 -16.70 -8.95
N ASN A 298 15.05 -15.49 -8.89
CA ASN A 298 16.46 -15.27 -8.60
C ASN A 298 16.66 -14.49 -7.31
N ARG A 299 15.68 -14.53 -6.40
CA ARG A 299 15.83 -13.90 -5.10
C ARG A 299 16.74 -14.74 -4.22
N PRO A 300 17.41 -14.13 -3.24
CA PRO A 300 18.25 -14.90 -2.31
C PRO A 300 17.44 -15.97 -1.61
N PRO A 301 17.75 -17.24 -1.86
CA PRO A 301 16.91 -18.34 -1.34
C PRO A 301 16.92 -18.37 0.18
N PRO A 302 15.86 -18.91 0.79
CA PRO A 302 15.80 -18.95 2.25
C PRO A 302 16.46 -20.21 2.83
N ASN A 303 16.27 -20.43 4.13
CA ASN A 303 16.74 -21.64 4.75
C ASN A 303 15.83 -22.82 4.38
N ALA A 304 16.39 -24.02 4.42
CA ALA A 304 15.62 -25.21 4.07
C ALA A 304 14.44 -25.42 5.01
N TYR A 305 14.65 -25.17 6.31
CA TYR A 305 13.57 -25.28 7.28
C TYR A 305 12.71 -24.02 7.35
N GLU A 306 13.10 -22.95 6.66
CA GLU A 306 12.36 -21.70 6.73
C GLU A 306 11.04 -21.75 5.99
N LEU A 307 10.65 -22.90 5.46
CA LEU A 307 9.33 -23.03 4.85
C LEU A 307 8.26 -23.31 5.88
N PHE A 308 8.53 -24.25 6.80
CA PHE A 308 7.66 -24.42 7.96
C PHE A 308 7.65 -23.17 8.81
N ALA A 309 8.76 -22.44 8.85
CA ALA A 309 8.83 -21.17 9.57
C ALA A 309 8.14 -20.04 8.80
N LYS A 310 8.02 -20.17 7.48
CA LYS A 310 7.31 -19.14 6.71
C LYS A 310 5.83 -19.13 7.04
N GLY A 311 5.22 -20.31 7.20
CA GLY A 311 3.83 -20.38 7.60
C GLY A 311 3.54 -19.81 8.97
N TYR A 312 4.58 -19.61 9.79
CA TYR A 312 4.44 -19.04 11.13
C TYR A 312 4.70 -17.54 11.16
N GLU A 313 4.96 -16.91 10.02
CA GLU A 313 5.31 -15.50 9.99
C GLU A 313 4.19 -14.65 10.58
N ASP A 314 4.53 -13.89 11.63
CA ASP A 314 3.58 -13.02 12.31
C ASP A 314 2.37 -13.78 12.85
N TYR A 315 2.54 -15.05 13.17
CA TYR A 315 1.47 -15.85 13.77
C TYR A 315 1.62 -15.81 15.28
N LEU A 316 0.62 -15.25 15.96
CA LEU A 316 0.68 -15.11 17.41
C LEU A 316 0.32 -16.41 18.10
N GLN A 317 1.18 -16.86 19.01
CA GLN A 317 0.92 -18.02 19.84
C GLN A 317 1.16 -17.66 21.30
N SER A 318 0.37 -18.24 22.18
CA SER A 318 0.64 -18.12 23.61
C SER A 318 1.95 -18.86 23.93
N PRO A 319 2.79 -18.29 24.79
CA PRO A 319 4.03 -18.98 25.14
C PRO A 319 3.75 -20.29 25.86
N LEU A 320 4.49 -21.32 25.46
CA LEU A 320 4.37 -22.61 26.14
C LEU A 320 4.84 -22.48 27.57
N GLN A 321 4.18 -23.22 28.47
CA GLN A 321 4.57 -23.31 29.88
C GLN A 321 4.80 -24.77 30.20
N PRO A 322 5.96 -25.32 29.86
CA PRO A 322 6.23 -26.74 30.11
C PRO A 322 6.24 -27.12 31.57
N LEU A 323 6.32 -26.16 32.49
CA LEU A 323 6.27 -26.48 33.91
C LEU A 323 4.82 -26.67 34.38
N MET A 324 3.97 -25.68 34.13
CA MET A 324 2.58 -25.77 34.55
C MET A 324 1.80 -26.77 33.71
N ASP A 325 2.13 -26.90 32.43
CA ASP A 325 1.42 -27.77 31.51
C ASP A 325 2.31 -28.93 31.08
N ASN A 326 1.68 -30.05 30.75
CA ASN A 326 2.37 -31.19 30.16
C ASN A 326 2.34 -31.04 28.64
N LEU A 327 3.52 -30.89 28.04
CA LEU A 327 3.61 -30.66 26.60
C LEU A 327 3.12 -31.89 25.83
N GLU A 328 2.54 -31.63 24.66
CA GLU A 328 2.05 -32.70 23.81
C GLU A 328 3.21 -33.36 23.08
N SER A 329 2.91 -34.51 22.47
CA SER A 329 3.95 -35.29 21.80
C SER A 329 4.56 -34.52 20.63
N GLN A 330 3.72 -33.87 19.82
CA GLN A 330 4.24 -33.15 18.67
C GLN A 330 4.99 -31.89 19.05
N THR A 331 4.70 -31.31 20.22
CA THR A 331 5.51 -30.20 20.71
C THR A 331 6.93 -30.66 20.99
N TYR A 332 7.08 -31.81 21.66
CA TYR A 332 8.41 -32.38 21.84
C TYR A 332 9.04 -32.73 20.49
N GLU A 333 8.23 -33.21 19.55
CA GLU A 333 8.76 -33.52 18.22
C GLU A 333 9.35 -32.29 17.56
N VAL A 334 8.67 -31.14 17.70
CA VAL A 334 9.20 -29.89 17.18
C VAL A 334 10.48 -29.50 17.93
N PHE A 335 10.49 -29.70 19.25
CA PHE A 335 11.68 -29.40 20.03
C PHE A 335 12.89 -30.19 19.54
N GLU A 336 12.67 -31.46 19.17
CA GLU A 336 13.76 -32.36 18.78
C GLU A 336 14.23 -32.14 17.35
N LYS A 337 13.38 -31.57 16.49
CA LYS A 337 13.73 -31.34 15.09
C LYS A 337 14.59 -30.08 14.99
N ASP A 338 15.78 -30.16 15.57
CA ASP A 338 16.73 -29.05 15.57
C ASP A 338 18.12 -29.61 15.85
N PRO A 339 18.83 -30.09 14.83
CA PRO A 339 20.12 -30.73 15.12
C PRO A 339 21.20 -29.77 15.61
N ILE A 340 21.11 -28.48 15.28
CA ILE A 340 22.14 -27.54 15.69
C ILE A 340 22.13 -27.36 17.21
N LYS A 341 20.93 -27.24 17.80
CA LYS A 341 20.83 -27.05 19.25
C LYS A 341 21.43 -28.24 20.01
N TYR A 342 21.09 -29.45 19.59
CA TYR A 342 21.60 -30.61 20.29
C TYR A 342 23.06 -30.89 19.97
N SER A 343 23.53 -30.48 18.79
CA SER A 343 24.97 -30.50 18.54
C SER A 343 25.71 -29.59 19.50
N GLN A 344 25.16 -28.39 19.74
CA GLN A 344 25.78 -27.48 20.70
C GLN A 344 25.75 -28.05 22.11
N TYR A 345 24.62 -28.64 22.51
CA TYR A 345 24.54 -29.27 23.82
C TYR A 345 25.55 -30.40 23.96
N GLN A 346 25.68 -31.24 22.93
CA GLN A 346 26.64 -32.33 22.95
C GLN A 346 28.07 -31.81 23.05
N GLN A 347 28.39 -30.74 22.31
CA GLN A 347 29.73 -30.18 22.38
C GLN A 347 30.02 -29.60 23.77
N ALA A 348 29.01 -28.96 24.37
CA ALA A 348 29.19 -28.42 25.72
C ALA A 348 29.45 -29.54 26.73
N ILE A 349 28.65 -30.61 26.66
CA ILE A 349 28.84 -31.74 27.56
C ILE A 349 30.20 -32.39 27.33
N TYR A 350 30.62 -32.47 26.06
CA TYR A 350 31.92 -33.05 25.72
C TYR A 350 33.06 -32.25 26.32
N LYS A 351 33.02 -30.92 26.17
CA LYS A 351 34.04 -30.07 26.76
C LYS A 351 34.05 -30.18 28.28
N CYS A 352 32.86 -30.20 28.90
CA CYS A 352 32.80 -30.29 30.36
C CYS A 352 33.36 -31.62 30.86
N LEU A 353 33.05 -32.72 30.16
CA LEU A 353 33.58 -34.02 30.55
C LEU A 353 35.09 -34.06 30.41
N LEU A 354 35.62 -33.47 29.34
CA LEU A 354 37.07 -33.43 29.19
C LEU A 354 37.72 -32.55 30.24
N ASP A 355 37.03 -31.50 30.69
CA ASP A 355 37.60 -30.60 31.70
C ASP A 355 37.54 -31.19 33.10
N ARG A 356 36.53 -32.01 33.40
CA ARG A 356 36.35 -32.52 34.75
C ARG A 356 37.11 -33.82 35.00
N VAL A 357 37.34 -34.64 33.98
CA VAL A 357 38.01 -35.93 34.18
C VAL A 357 39.32 -35.96 33.39
N PRO A 358 40.47 -35.98 34.07
CA PRO A 358 41.74 -36.12 33.35
C PRO A 358 41.85 -37.46 32.64
N GLU A 359 42.86 -37.58 31.78
CA GLU A 359 43.03 -38.78 30.98
C GLU A 359 43.30 -40.00 31.85
N GLU A 360 44.13 -39.84 32.89
CA GLU A 360 44.48 -40.97 33.75
C GLU A 360 43.30 -41.52 34.53
N GLU A 361 42.25 -40.72 34.72
CA GLU A 361 41.07 -41.15 35.45
C GLU A 361 39.90 -41.50 34.53
N LYS A 362 40.15 -41.65 33.23
CA LYS A 362 39.05 -41.80 32.29
C LYS A 362 38.28 -43.10 32.50
N ASP A 363 38.94 -44.12 33.06
CA ASP A 363 38.29 -45.39 33.34
C ASP A 363 37.91 -45.56 34.81
N THR A 364 38.43 -44.72 35.70
CA THR A 364 38.07 -44.80 37.11
C THR A 364 36.95 -43.84 37.48
N ASN A 365 36.87 -42.69 36.82
CA ASN A 365 35.94 -41.62 37.19
C ASN A 365 34.68 -41.73 36.34
N VAL A 366 33.56 -42.02 36.99
CA VAL A 366 32.25 -42.04 36.34
C VAL A 366 31.53 -40.76 36.72
N GLN A 367 31.30 -39.89 35.73
CA GLN A 367 30.61 -38.63 35.97
C GLN A 367 29.10 -38.87 36.07
N VAL A 368 28.47 -38.15 37.00
CA VAL A 368 27.03 -38.23 37.20
C VAL A 368 26.40 -37.08 36.42
N LEU A 369 25.70 -37.41 35.35
CA LEU A 369 24.97 -36.44 34.54
C LEU A 369 23.48 -36.61 34.78
N MET A 370 22.79 -35.49 34.96
CA MET A 370 21.36 -35.48 35.22
C MET A 370 20.67 -34.55 34.24
N VAL A 371 19.89 -35.12 33.33
CA VAL A 371 19.07 -34.32 32.42
C VAL A 371 17.80 -33.94 33.17
N LEU A 372 17.68 -32.64 33.50
CA LEU A 372 16.55 -32.12 34.25
C LEU A 372 15.55 -31.55 33.26
N GLY A 373 14.46 -32.29 33.03
CA GLY A 373 13.53 -31.95 31.97
C GLY A 373 13.90 -32.69 30.70
N ALA A 374 13.89 -34.02 30.76
CA ALA A 374 14.41 -34.84 29.67
C ALA A 374 13.46 -34.94 28.49
N GLY A 375 12.18 -34.66 28.67
CA GLY A 375 11.23 -34.78 27.59
C GLY A 375 11.16 -36.21 27.09
N ARG A 376 11.43 -36.41 25.81
CA ARG A 376 11.54 -37.74 25.22
C ARG A 376 12.99 -38.20 25.13
N GLY A 377 13.92 -37.42 25.67
CA GLY A 377 15.31 -37.81 25.81
C GLY A 377 16.26 -37.46 24.69
N PRO A 378 16.14 -36.28 24.05
CA PRO A 378 17.19 -35.88 23.11
C PRO A 378 18.46 -35.45 23.81
N LEU A 379 18.35 -34.82 24.98
CA LEU A 379 19.54 -34.48 25.76
C LEU A 379 20.20 -35.72 26.33
N VAL A 380 19.45 -36.79 26.57
CA VAL A 380 20.05 -38.04 27.03
C VAL A 380 20.95 -38.63 25.93
N ASN A 381 20.43 -38.69 24.70
CA ASN A 381 21.23 -39.18 23.59
C ASN A 381 22.40 -38.24 23.31
N ALA A 382 22.20 -36.94 23.48
CA ALA A 382 23.31 -35.99 23.34
C ALA A 382 24.39 -36.26 24.37
N SER A 383 23.99 -36.54 25.61
CA SER A 383 24.96 -36.84 26.67
C SER A 383 25.71 -38.13 26.35
N LEU A 384 25.02 -39.14 25.84
CA LEU A 384 25.69 -40.40 25.49
C LEU A 384 26.68 -40.19 24.36
N ARG A 385 26.28 -39.46 23.32
CA ARG A 385 27.18 -39.19 22.20
C ARG A 385 28.38 -38.36 22.65
N ALA A 386 28.16 -37.42 23.57
CA ALA A 386 29.27 -36.63 24.08
C ALA A 386 30.20 -37.46 24.94
N ALA A 387 29.66 -38.39 25.73
CA ALA A 387 30.47 -39.23 26.59
C ALA A 387 31.35 -40.15 25.77
N LYS A 388 30.78 -40.82 24.76
CA LYS A 388 31.63 -41.70 23.96
C LYS A 388 32.36 -40.95 22.85
N GLN A 389 32.13 -39.65 22.70
CA GLN A 389 33.00 -38.80 21.90
C GLN A 389 34.17 -38.27 22.70
N ALA A 390 33.96 -38.02 24.00
CA ALA A 390 35.02 -37.57 24.89
C ALA A 390 35.80 -38.72 25.51
N ASP A 391 35.40 -39.97 25.26
CA ASP A 391 36.06 -41.16 25.82
C ASP A 391 36.07 -41.12 27.34
N ARG A 392 34.90 -40.84 27.93
CA ARG A 392 34.73 -40.77 29.36
C ARG A 392 33.48 -41.54 29.77
N ARG A 393 33.47 -42.01 31.02
CA ARG A 393 32.34 -42.76 31.56
CA ARG A 393 32.34 -42.76 31.56
C ARG A 393 31.35 -41.81 32.23
N ILE A 394 30.07 -42.07 32.01
CA ILE A 394 29.01 -41.26 32.60
C ILE A 394 27.91 -42.16 33.16
N LYS A 395 27.23 -41.66 34.18
CA LYS A 395 26.01 -42.26 34.71
C LYS A 395 24.89 -41.24 34.57
N LEU A 396 23.80 -41.63 33.92
CA LEU A 396 22.77 -40.69 33.48
C LEU A 396 21.50 -40.84 34.29
N TYR A 397 20.94 -39.71 34.73
CA TYR A 397 19.60 -39.62 35.28
C TYR A 397 18.78 -38.74 34.35
N ALA A 398 17.66 -39.27 33.87
CA ALA A 398 16.75 -38.54 32.99
C ALA A 398 15.53 -38.16 33.81
N VAL A 399 15.49 -36.92 34.29
CA VAL A 399 14.44 -36.45 35.18
C VAL A 399 13.39 -35.72 34.35
N GLU A 400 12.12 -36.11 34.52
CA GLU A 400 11.03 -35.50 33.77
C GLU A 400 9.75 -35.64 34.57
N LYS A 401 9.03 -34.54 34.74
CA LYS A 401 7.77 -34.55 35.49
C LYS A 401 6.57 -34.88 34.62
N ASN A 402 6.68 -34.74 33.30
CA ASN A 402 5.60 -35.07 32.37
C ASN A 402 5.52 -36.57 32.21
N PRO A 403 4.53 -37.24 32.82
CA PRO A 403 4.50 -38.71 32.76
C PRO A 403 4.27 -39.24 31.36
N ASN A 404 3.58 -38.47 30.51
CA ASN A 404 3.38 -38.89 29.13
C ASN A 404 4.72 -39.01 28.41
N ALA A 405 5.62 -38.04 28.62
CA ALA A 405 6.96 -38.15 28.09
C ALA A 405 7.79 -39.17 28.84
N VAL A 406 7.45 -39.43 30.11
CA VAL A 406 8.12 -40.48 30.86
C VAL A 406 7.85 -41.84 30.24
N VAL A 407 6.68 -42.01 29.62
CA VAL A 407 6.40 -43.24 28.88
C VAL A 407 7.44 -43.44 27.77
N THR A 408 7.68 -42.39 26.98
CA THR A 408 8.69 -42.46 25.93
C THR A 408 10.08 -42.71 26.51
N LEU A 409 10.41 -42.02 27.60
CA LEU A 409 11.72 -42.18 28.23
C LEU A 409 11.93 -43.63 28.67
N GLU A 410 10.92 -44.24 29.30
CA GLU A 410 11.09 -45.57 29.84
C GLU A 410 11.05 -46.64 28.75
N ASN A 411 10.30 -46.41 27.67
CA ASN A 411 10.42 -47.32 26.51
C ASN A 411 11.81 -47.23 25.90
N TRP A 412 12.35 -46.01 25.78
CA TRP A 412 13.73 -45.85 25.34
C TRP A 412 14.70 -46.60 26.26
N GLN A 413 14.49 -46.49 27.57
CA GLN A 413 15.42 -47.08 28.53
C GLN A 413 15.37 -48.59 28.47
N PHE A 414 14.17 -49.18 28.36
CA PHE A 414 14.08 -50.63 28.26
C PHE A 414 14.62 -51.14 26.94
N GLU A 415 14.36 -50.42 25.84
CA GLU A 415 14.71 -50.92 24.52
C GLU A 415 16.15 -50.65 24.14
N GLU A 416 16.71 -49.51 24.54
CA GLU A 416 18.02 -49.11 24.03
C GLU A 416 19.02 -48.75 25.11
N TRP A 417 18.66 -47.80 25.98
CA TRP A 417 19.63 -47.25 26.92
C TRP A 417 20.13 -48.30 27.90
N GLY A 418 19.22 -48.97 28.58
CA GLY A 418 19.58 -49.92 29.61
C GLY A 418 19.80 -49.25 30.95
N SER A 419 20.48 -49.99 31.83
CA SER A 419 20.72 -49.54 33.19
C SER A 419 21.61 -48.29 33.27
N GLN A 420 22.29 -47.94 32.18
CA GLN A 420 23.12 -46.73 32.18
C GLN A 420 22.29 -45.47 32.45
N VAL A 421 21.04 -45.45 31.99
CA VAL A 421 20.14 -44.32 32.19
C VAL A 421 19.07 -44.73 33.19
N THR A 422 18.90 -43.91 34.23
CA THR A 422 17.83 -44.09 35.22
C THR A 422 16.78 -43.01 34.97
N VAL A 423 15.58 -43.43 34.62
CA VAL A 423 14.48 -42.49 34.35
C VAL A 423 13.79 -42.16 35.66
N VAL A 424 13.64 -40.87 35.93
CA VAL A 424 12.98 -40.36 37.13
C VAL A 424 11.74 -39.60 36.69
N SER A 425 10.58 -40.02 37.21
CA SER A 425 9.31 -39.35 36.92
C SER A 425 8.95 -38.49 38.14
N SER A 426 9.51 -37.28 38.17
CA SER A 426 9.37 -36.41 39.32
C SER A 426 9.71 -34.98 38.92
N ASP A 427 9.19 -34.05 39.71
CA ASP A 427 9.60 -32.65 39.58
C ASP A 427 10.99 -32.48 40.16
N MET A 428 11.88 -31.82 39.41
CA MET A 428 13.26 -31.67 39.84
C MET A 428 13.38 -30.86 41.13
N ARG A 429 12.35 -30.12 41.50
CA ARG A 429 12.36 -29.37 42.76
C ARG A 429 11.92 -30.22 43.94
N GLU A 430 11.42 -31.42 43.69
CA GLU A 430 10.98 -32.34 44.75
C GLU A 430 11.85 -33.58 44.85
N TRP A 431 12.45 -34.01 43.75
CA TRP A 431 13.11 -35.31 43.67
C TRP A 431 14.26 -35.42 44.66
N VAL A 432 14.19 -36.42 45.54
CA VAL A 432 15.29 -36.73 46.44
C VAL A 432 16.29 -37.59 45.67
N ALA A 433 17.41 -36.98 45.27
CA ALA A 433 18.37 -37.70 44.45
C ALA A 433 19.14 -38.71 45.30
N PRO A 434 19.37 -39.92 44.78
CA PRO A 434 20.18 -40.90 45.51
C PRO A 434 21.65 -40.54 45.59
N GLU A 435 22.10 -39.59 44.78
CA GLU A 435 23.49 -39.13 44.79
C GLU A 435 23.53 -37.76 44.14
N LYS A 436 24.63 -37.05 44.38
CA LYS A 436 24.79 -35.72 43.81
C LYS A 436 25.37 -35.81 42.40
N ALA A 437 25.14 -34.75 41.63
CA ALA A 437 25.43 -34.75 40.20
C ALA A 437 26.71 -33.99 39.90
N ASP A 438 27.49 -34.54 38.97
CA ASP A 438 28.63 -33.80 38.44
C ASP A 438 28.16 -32.71 37.48
N ILE A 439 27.24 -33.05 36.59
CA ILE A 439 26.72 -32.12 35.58
C ILE A 439 25.21 -32.24 35.54
N ILE A 440 24.51 -31.12 35.60
CA ILE A 440 23.09 -31.06 35.33
C ILE A 440 22.90 -30.38 33.97
N VAL A 441 22.00 -30.92 33.16
CA VAL A 441 21.80 -30.48 31.79
C VAL A 441 20.31 -30.24 31.57
N SER A 442 19.95 -29.08 31.03
CA SER A 442 18.55 -28.75 30.83
C SER A 442 18.40 -27.83 29.64
N GLU A 443 17.17 -27.78 29.12
CA GLU A 443 16.75 -26.82 28.10
C GLU A 443 15.41 -26.22 28.51
N LEU A 444 15.33 -25.74 29.75
CA LEU A 444 14.10 -25.20 30.31
C LEU A 444 13.92 -23.74 29.91
N LEU A 445 14.48 -23.35 28.78
CA LEU A 445 14.51 -21.95 28.35
C LEU A 445 13.42 -21.67 27.34
N GLY A 446 12.76 -20.52 27.50
CA GLY A 446 11.79 -20.04 26.54
C GLY A 446 12.36 -18.96 25.64
N SER A 447 11.47 -18.35 24.86
CA SER A 447 11.90 -17.30 23.93
C SER A 447 12.50 -16.11 24.68
N PHE A 448 12.01 -15.84 25.90
CA PHE A 448 12.54 -14.78 26.74
C PHE A 448 13.49 -15.34 27.81
N ALA A 449 14.21 -16.41 27.48
CA ALA A 449 15.13 -17.10 28.39
C ALA A 449 14.41 -17.69 29.59
N ASP A 450 14.10 -16.85 30.58
CA ASP A 450 13.60 -17.32 31.87
C ASP A 450 12.08 -17.38 31.96
N ASN A 451 11.36 -17.18 30.85
CA ASN A 451 9.91 -17.14 30.89
C ASN A 451 9.26 -18.51 31.04
N GLU A 452 10.06 -19.58 31.07
CA GLU A 452 9.55 -20.89 31.44
C GLU A 452 9.98 -21.30 32.84
N LEU A 453 10.49 -20.35 33.62
CA LEU A 453 10.86 -20.53 35.02
C LEU A 453 12.02 -21.50 35.19
N SER A 454 12.94 -21.50 34.24
CA SER A 454 14.20 -22.23 34.42
C SER A 454 14.96 -21.79 35.67
N PRO A 455 15.03 -20.50 36.03
CA PRO A 455 15.70 -20.16 37.30
C PRO A 455 15.14 -20.89 38.50
N GLU A 456 13.82 -20.89 38.69
CA GLU A 456 13.22 -21.54 39.85
C GLU A 456 13.46 -23.05 39.83
N CYS A 457 13.29 -23.67 38.65
CA CYS A 457 13.48 -25.11 38.55
C CYS A 457 14.92 -25.50 38.87
N LEU A 458 15.89 -24.82 38.26
CA LEU A 458 17.29 -25.13 38.52
C LEU A 458 17.72 -24.73 39.93
N ASP A 459 17.02 -23.79 40.56
CA ASP A 459 17.27 -23.50 41.97
C ASP A 459 16.82 -24.66 42.84
N GLY A 460 15.61 -25.18 42.58
CA GLY A 460 15.12 -26.32 43.33
C GLY A 460 15.95 -27.58 43.11
N ALA A 461 16.69 -27.65 42.01
CA ALA A 461 17.54 -28.79 41.68
C ALA A 461 18.99 -28.59 42.09
N GLN A 462 19.30 -27.46 42.72
CA GLN A 462 20.69 -27.11 42.99
C GLN A 462 21.28 -27.93 44.13
N HIS A 463 20.43 -28.41 45.05
CA HIS A 463 20.94 -29.05 46.26
C HIS A 463 21.57 -30.41 45.97
N PHE A 464 21.12 -31.11 44.93
CA PHE A 464 21.75 -32.36 44.55
C PHE A 464 22.81 -32.18 43.46
N LEU A 465 23.27 -30.95 43.25
CA LEU A 465 24.45 -30.71 42.44
C LEU A 465 25.67 -30.64 43.34
N LYS A 466 26.78 -31.22 42.88
CA LYS A 466 28.00 -31.25 43.68
C LYS A 466 28.51 -29.83 43.92
N ASP A 467 29.36 -29.70 44.95
CA ASP A 467 29.88 -28.38 45.33
C ASP A 467 30.63 -27.73 44.19
N ASP A 468 31.25 -28.53 43.31
CA ASP A 468 31.90 -28.04 42.10
C ASP A 468 31.15 -28.45 40.84
N GLY A 469 29.88 -28.81 40.96
CA GLY A 469 29.13 -29.26 39.82
C GLY A 469 28.88 -28.16 38.81
N VAL A 470 28.60 -28.58 37.58
CA VAL A 470 28.41 -27.68 36.46
C VAL A 470 26.96 -27.77 35.99
N SER A 471 26.36 -26.63 35.69
CA SER A 471 25.04 -26.53 35.08
C SER A 471 25.20 -26.14 33.62
N ILE A 472 24.54 -26.89 32.74
CA ILE A 472 24.48 -26.59 31.31
C ILE A 472 23.01 -26.41 30.96
N PRO A 473 22.56 -25.19 30.66
CA PRO A 473 23.33 -23.95 30.50
C PRO A 473 23.89 -23.40 31.81
N GLY A 474 25.04 -22.73 31.73
CA GLY A 474 25.62 -22.08 32.87
C GLY A 474 25.08 -20.69 33.06
N GLU A 475 24.64 -20.06 31.97
CA GLU A 475 24.14 -18.69 32.06
C GLU A 475 23.12 -18.45 30.95
N TYR A 476 22.17 -17.55 31.20
CA TYR A 476 21.34 -17.08 30.11
C TYR A 476 20.90 -15.64 30.37
N THR A 477 20.68 -14.90 29.28
CA THR A 477 20.36 -13.48 29.32
C THR A 477 19.29 -13.18 28.29
N SER A 478 18.25 -12.46 28.71
CA SER A 478 17.22 -12.02 27.79
C SER A 478 17.56 -10.65 27.21
N PHE A 479 16.99 -10.37 26.04
CA PHE A 479 17.24 -9.14 25.31
C PHE A 479 15.92 -8.55 24.83
N LEU A 480 15.83 -7.22 24.83
CA LEU A 480 14.64 -6.50 24.41
C LEU A 480 15.00 -5.49 23.33
N ALA A 481 14.05 -5.27 22.42
CA ALA A 481 14.24 -4.28 21.36
C ALA A 481 12.89 -3.68 20.98
N PRO A 482 12.75 -2.35 21.03
CA PRO A 482 11.48 -1.74 20.60
C PRO A 482 11.24 -1.95 19.11
N ILE A 483 10.00 -2.27 18.76
CA ILE A 483 9.65 -2.53 17.37
C ILE A 483 8.42 -1.72 16.98
N SER A 484 8.29 -1.50 15.68
CA SER A 484 7.12 -0.89 15.08
C SER A 484 6.46 -1.90 14.16
N SER A 485 5.18 -2.19 14.40
CA SER A 485 4.43 -3.10 13.55
C SER A 485 2.94 -2.85 13.80
N SER A 486 2.33 -2.02 12.96
CA SER A 486 0.89 -1.83 13.06
C SER A 486 0.14 -3.13 12.73
N LYS A 487 0.73 -3.98 11.88
CA LYS A 487 0.12 -5.27 11.58
C LYS A 487 0.05 -6.15 12.83
N LEU A 488 1.18 -6.32 13.51
CA LEU A 488 1.18 -7.11 14.74
C LEU A 488 0.36 -6.45 15.84
N TYR A 489 0.34 -5.12 15.89
CA TYR A 489 -0.50 -4.43 16.86
C TYR A 489 -1.97 -4.76 16.62
N ASN A 490 -2.41 -4.73 15.36
CA ASN A 490 -3.79 -5.05 15.05
C ASN A 490 -4.08 -6.53 15.31
N GLU A 491 -3.11 -7.41 15.07
CA GLU A 491 -3.29 -8.82 15.38
C GLU A 491 -3.48 -9.05 16.87
N VAL A 492 -2.69 -8.36 17.69
CA VAL A 492 -2.88 -8.43 19.14
C VAL A 492 -4.25 -7.88 19.52
N ARG A 493 -4.63 -6.74 18.94
CA ARG A 493 -5.92 -6.12 19.22
C ARG A 493 -7.08 -7.05 18.89
N ALA A 494 -6.94 -7.84 17.82
CA ALA A 494 -7.99 -8.77 17.43
C ALA A 494 -8.11 -9.96 18.37
N CYS A 495 -7.22 -10.09 19.35
CA CYS A 495 -7.24 -11.27 20.22
C CYS A 495 -8.11 -11.02 21.45
N ARG A 496 -9.12 -10.16 21.31
CA ARG A 496 -10.02 -9.92 22.42
C ARG A 496 -10.96 -11.10 22.61
N GLU A 497 -11.09 -11.55 23.86
CA GLU A 497 -11.94 -12.67 24.21
C GLU A 497 -13.02 -12.20 25.17
N LYS A 498 -14.17 -12.88 25.10
CA LYS A 498 -15.24 -12.61 26.05
C LYS A 498 -14.87 -13.16 27.43
N ASP A 499 -15.59 -12.68 28.44
CA ASP A 499 -15.43 -13.14 29.82
C ASP A 499 -14.04 -12.81 30.38
N ARG A 500 -13.40 -11.77 29.85
CA ARG A 500 -12.14 -11.31 30.41
C ARG A 500 -11.96 -9.84 30.06
N ASP A 501 -10.91 -9.24 30.62
CA ASP A 501 -10.61 -7.84 30.40
C ASP A 501 -10.52 -7.56 28.90
N PRO A 502 -11.21 -6.52 28.41
CA PRO A 502 -11.15 -6.23 26.96
C PRO A 502 -9.76 -5.87 26.46
N GLU A 503 -8.81 -5.57 27.34
CA GLU A 503 -7.45 -5.23 26.95
C GLU A 503 -6.43 -6.23 27.48
N ALA A 504 -6.87 -7.39 27.96
CA ALA A 504 -5.94 -8.37 28.52
C ALA A 504 -4.96 -8.88 27.46
N GLN A 505 -5.38 -8.92 26.19
CA GLN A 505 -4.51 -9.40 25.13
C GLN A 505 -3.25 -8.54 24.98
N PHE A 506 -3.30 -7.28 25.39
CA PHE A 506 -2.12 -6.42 25.33
C PHE A 506 -1.18 -6.64 26.51
N GLU A 507 -1.66 -7.26 27.60
CA GLU A 507 -0.86 -7.45 28.80
C GLU A 507 -0.31 -8.87 28.92
N MET A 508 0.02 -9.50 27.79
CA MET A 508 0.57 -10.85 27.80
C MET A 508 1.50 -11.00 26.61
N PRO A 509 2.61 -11.72 26.77
CA PRO A 509 3.53 -11.91 25.64
C PRO A 509 3.02 -12.98 24.68
N TYR A 510 3.56 -12.91 23.45
CA TYR A 510 3.22 -13.87 22.40
C TYR A 510 4.49 -14.36 21.74
N VAL A 511 4.61 -15.69 21.60
CA VAL A 511 5.69 -16.26 20.79
C VAL A 511 5.29 -16.14 19.33
N VAL A 512 6.15 -15.50 18.53
CA VAL A 512 5.77 -15.19 17.15
C VAL A 512 7.01 -15.00 16.29
N ARG A 513 7.02 -15.65 15.12
CA ARG A 513 8.05 -15.40 14.11
C ARG A 513 7.84 -14.00 13.54
N LEU A 514 8.45 -13.01 14.18
CA LEU A 514 8.28 -11.62 13.76
C LEU A 514 8.74 -11.45 12.31
N HIS A 515 7.88 -10.88 11.49
CA HIS A 515 8.15 -10.76 10.06
C HIS A 515 7.99 -9.32 9.59
N ASN A 516 6.75 -8.85 9.53
CA ASN A 516 6.46 -7.48 9.08
C ASN A 516 6.53 -6.54 10.28
N PHE A 517 7.74 -6.10 10.58
CA PHE A 517 7.99 -5.22 11.71
C PHE A 517 9.25 -4.40 11.42
N HIS A 518 9.46 -3.39 12.25
CA HIS A 518 10.61 -2.50 12.14
C HIS A 518 11.29 -2.41 13.50
N GLN A 519 12.50 -2.96 13.60
CA GLN A 519 13.27 -2.82 14.82
C GLN A 519 13.77 -1.39 14.97
N LEU A 520 13.41 -0.74 16.07
CA LEU A 520 13.67 0.68 16.24
C LEU A 520 14.99 0.98 16.93
N SER A 521 15.57 0.00 17.62
CA SER A 521 16.85 0.21 18.29
C SER A 521 17.51 -1.15 18.51
N ALA A 522 18.82 -1.11 18.73
CA ALA A 522 19.57 -2.34 18.91
C ALA A 522 19.11 -3.05 20.19
N PRO A 523 19.01 -4.38 20.16
CA PRO A 523 18.60 -5.11 21.37
C PRO A 523 19.61 -4.92 22.50
N GLN A 524 19.08 -4.81 23.72
CA GLN A 524 19.89 -4.66 24.91
C GLN A 524 19.52 -5.72 25.93
N PRO A 525 20.49 -6.15 26.75
CA PRO A 525 20.20 -7.21 27.71
C PRO A 525 19.17 -6.76 28.74
N CYS A 526 18.32 -7.71 29.15
CA CYS A 526 17.26 -7.42 30.12
C CYS A 526 17.55 -8.10 31.45
N PHE A 527 17.32 -9.41 31.52
CA PHE A 527 17.50 -10.18 32.74
C PHE A 527 18.53 -11.29 32.50
N THR A 528 19.41 -11.49 33.48
CA THR A 528 20.47 -12.49 33.39
C THR A 528 20.39 -13.41 34.61
N PHE A 529 20.53 -14.71 34.35
CA PHE A 529 20.54 -15.72 35.41
C PHE A 529 21.73 -16.65 35.22
N SER A 530 22.39 -16.98 36.33
CA SER A 530 23.54 -17.87 36.34
C SER A 530 23.20 -19.12 37.14
N HIS A 531 23.84 -20.25 36.76
CA HIS A 531 23.61 -21.52 37.43
C HIS A 531 24.94 -22.28 37.48
N PRO A 532 25.31 -22.81 38.65
CA PRO A 532 24.60 -22.77 39.93
C PRO A 532 24.60 -21.40 40.59
N ASN A 533 23.53 -21.05 41.30
CA ASN A 533 23.40 -19.75 41.95
C ASN A 533 23.78 -19.88 43.42
N ARG A 534 25.10 -20.06 43.64
N ARG A 534 25.09 -20.07 43.64
CA ARG A 534 25.65 -20.13 44.98
CA ARG A 534 25.62 -20.15 45.00
C ARG A 534 25.58 -18.76 45.64
C ARG A 534 25.58 -18.78 45.66
N ASP A 535 24.44 -18.44 46.28
CA ASP A 535 24.23 -17.14 46.88
C ASP A 535 23.36 -17.34 48.11
N PRO A 536 23.64 -16.64 49.22
CA PRO A 536 22.86 -16.84 50.46
C PRO A 536 21.36 -16.65 50.27
N MET A 537 20.92 -15.49 49.80
CA MET A 537 19.51 -15.20 49.56
C MET A 537 19.28 -15.09 48.06
N ILE A 538 18.71 -16.14 47.46
CA ILE A 538 18.40 -16.14 46.03
C ILE A 538 17.11 -15.37 45.81
N ASP A 539 17.16 -14.36 44.94
CA ASP A 539 15.99 -13.58 44.57
C ASP A 539 15.95 -13.49 43.05
N ASN A 540 14.98 -14.17 42.44
CA ASN A 540 14.85 -14.19 41.00
C ASN A 540 13.98 -13.05 40.47
N ASN A 541 13.45 -12.20 41.34
CA ASN A 541 12.76 -11.00 40.88
C ASN A 541 13.76 -10.03 40.27
N ARG A 542 13.28 -9.22 39.32
CA ARG A 542 14.16 -8.32 38.57
C ARG A 542 13.45 -7.00 38.30
N TYR A 543 14.23 -5.94 38.22
CA TYR A 543 13.76 -4.63 37.78
C TYR A 543 14.83 -4.06 36.86
N CYS A 544 14.46 -3.75 35.62
CA CYS A 544 15.40 -3.30 34.62
C CYS A 544 14.86 -2.08 33.89
N THR A 545 15.73 -1.09 33.68
CA THR A 545 15.41 0.10 32.91
C THR A 545 16.33 0.16 31.69
N LEU A 546 15.73 0.28 30.51
CA LEU A 546 16.46 0.28 29.26
C LEU A 546 16.19 1.56 28.48
N GLU A 547 17.25 2.17 27.97
CA GLU A 547 17.17 3.38 27.15
C GLU A 547 17.57 3.02 25.73
N PHE A 548 16.61 3.08 24.81
CA PHE A 548 16.83 2.73 23.42
C PHE A 548 16.91 3.99 22.57
N PRO A 549 18.07 4.33 22.01
CA PRO A 549 18.13 5.48 21.09
C PRO A 549 17.43 5.15 19.78
N VAL A 550 16.52 6.03 19.37
CA VAL A 550 15.75 5.87 18.13
C VAL A 550 16.14 7.01 17.20
N GLU A 551 16.56 6.66 15.99
CA GLU A 551 17.02 7.63 15.00
C GLU A 551 16.09 7.71 13.79
N VAL A 552 14.82 7.33 13.97
CA VAL A 552 13.82 7.40 12.92
C VAL A 552 12.50 7.88 13.52
N ASN A 553 11.68 8.48 12.67
CA ASN A 553 10.29 8.72 13.01
C ASN A 553 9.52 7.41 12.89
N THR A 554 8.77 7.05 13.92
CA THR A 554 8.14 5.75 13.96
C THR A 554 7.04 5.73 15.02
N VAL A 555 6.40 4.57 15.16
CA VAL A 555 5.33 4.35 16.12
C VAL A 555 5.63 3.06 16.86
N LEU A 556 5.88 3.17 18.17
CA LEU A 556 6.14 2.02 19.01
C LEU A 556 4.85 1.26 19.29
N HIS A 557 4.87 -0.05 19.01
CA HIS A 557 3.75 -0.93 19.30
C HIS A 557 4.10 -2.05 20.28
N GLY A 558 5.38 -2.28 20.55
CA GLY A 558 5.75 -3.33 21.46
C GLY A 558 7.26 -3.54 21.45
N PHE A 559 7.66 -4.61 22.14
CA PHE A 559 9.08 -4.93 22.31
C PHE A 559 9.31 -6.39 21.94
N ALA A 560 10.21 -6.61 20.99
CA ALA A 560 10.66 -7.96 20.68
C ALA A 560 11.62 -8.44 21.77
N GLY A 561 11.52 -9.73 22.10
CA GLY A 561 12.36 -10.33 23.11
C GLY A 561 13.07 -11.55 22.59
N TYR A 562 14.37 -11.61 22.83
CA TYR A 562 15.22 -12.71 22.42
C TYR A 562 16.01 -13.20 23.64
N PHE A 563 16.88 -14.18 23.43
CA PHE A 563 17.73 -14.64 24.51
C PHE A 563 19.03 -15.19 23.96
N GLU A 564 20.08 -15.07 24.76
CA GLU A 564 21.32 -15.80 24.58
C GLU A 564 21.52 -16.70 25.78
N THR A 565 22.30 -17.76 25.59
CA THR A 565 22.63 -18.65 26.71
C THR A 565 24.01 -19.24 26.50
N VAL A 566 24.80 -19.21 27.56
CA VAL A 566 26.09 -19.90 27.62
C VAL A 566 25.82 -21.27 28.22
N LEU A 567 25.92 -22.31 27.38
CA LEU A 567 25.79 -23.69 27.85
C LEU A 567 27.04 -24.12 28.60
N TYR A 568 28.22 -23.87 28.00
CA TYR A 568 29.50 -24.15 28.65
C TYR A 568 30.58 -23.40 27.89
N GLN A 569 31.21 -22.42 28.55
CA GLN A 569 32.35 -21.67 28.03
C GLN A 569 31.94 -20.97 26.74
N ASP A 570 32.56 -21.28 25.61
CA ASP A 570 32.27 -20.62 24.35
C ASP A 570 31.16 -21.32 23.56
N ILE A 571 30.54 -22.34 24.13
CA ILE A 571 29.42 -23.01 23.50
C ILE A 571 28.14 -22.29 23.92
N THR A 572 27.46 -21.68 22.95
CA THR A 572 26.34 -20.81 23.23
C THR A 572 25.20 -21.09 22.26
N LEU A 573 24.00 -20.68 22.67
CA LEU A 573 22.83 -20.61 21.80
C LEU A 573 22.30 -19.18 21.82
N SER A 574 21.67 -18.78 20.74
CA SER A 574 21.18 -17.40 20.64
C SER A 574 20.12 -17.29 19.56
N ILE A 575 19.02 -16.63 19.89
CA ILE A 575 18.06 -16.15 18.90
C ILE A 575 18.09 -14.64 18.76
N ARG A 576 18.96 -13.98 19.52
CA ARG A 576 19.25 -12.56 19.31
C ARG A 576 19.72 -12.36 17.87
N PRO A 577 19.07 -11.50 17.08
CA PRO A 577 19.36 -11.47 15.64
C PRO A 577 20.82 -11.23 15.29
N GLU A 578 21.51 -10.38 16.05
CA GLU A 578 22.90 -10.06 15.72
C GLU A 578 23.81 -11.25 15.95
N THR A 579 23.49 -12.11 16.92
CA THR A 579 24.32 -13.26 17.27
C THR A 579 23.56 -14.58 17.10
N HIS A 580 22.55 -14.59 16.23
CA HIS A 580 21.69 -15.75 16.11
C HIS A 580 22.48 -16.98 15.70
N SER A 581 22.26 -18.09 16.41
CA SER A 581 22.89 -19.35 16.08
C SER A 581 22.45 -19.79 14.68
N PRO A 582 23.37 -19.92 13.72
CA PRO A 582 22.97 -20.25 12.35
C PRO A 582 22.30 -21.62 12.28
N GLY A 583 21.15 -21.66 11.63
CA GLY A 583 20.45 -22.91 11.39
C GLY A 583 19.67 -23.46 12.57
N MET A 584 19.56 -22.71 13.67
CA MET A 584 18.76 -23.13 14.81
C MET A 584 17.42 -22.40 14.78
N PHE A 585 16.33 -23.15 14.98
CA PHE A 585 14.99 -22.59 14.78
C PHE A 585 13.96 -23.11 15.77
N SER A 586 14.37 -23.75 16.87
CA SER A 586 13.42 -24.23 17.85
C SER A 586 12.88 -23.13 18.75
N TRP A 587 13.30 -21.88 18.56
CA TRP A 587 12.82 -20.75 19.34
C TRP A 587 12.47 -19.61 18.39
N PHE A 588 11.21 -19.19 18.41
CA PHE A 588 10.81 -17.94 17.80
C PHE A 588 10.97 -16.81 18.82
N PRO A 589 11.09 -15.56 18.36
CA PRO A 589 11.14 -14.44 19.30
C PRO A 589 9.82 -14.29 20.04
N ILE A 590 9.86 -13.47 21.08
CA ILE A 590 8.67 -13.16 21.87
C ILE A 590 8.30 -11.71 21.61
N LEU A 591 7.05 -11.37 21.90
CA LEU A 591 6.53 -10.03 21.68
C LEU A 591 5.77 -9.59 22.92
N PHE A 592 6.21 -8.48 23.52
CA PHE A 592 5.46 -7.82 24.57
C PHE A 592 4.78 -6.61 23.98
N PRO A 593 3.48 -6.62 23.76
CA PRO A 593 2.80 -5.46 23.17
C PRO A 593 2.53 -4.40 24.22
N ILE A 594 1.99 -3.27 23.76
CA ILE A 594 1.49 -2.21 24.64
C ILE A 594 0.10 -1.83 24.18
N LYS A 595 -0.71 -1.36 25.12
CA LYS A 595 -2.11 -1.02 24.83
C LYS A 595 -2.20 0.05 23.75
N GLN A 596 -1.46 1.13 23.91
CA GLN A 596 -1.56 2.27 23.03
C GLN A 596 -0.26 2.47 22.27
N PRO A 597 -0.31 2.62 20.94
CA PRO A 597 0.91 2.97 20.19
C PRO A 597 1.46 4.31 20.65
N ILE A 598 2.78 4.44 20.60
CA ILE A 598 3.47 5.63 21.11
C ILE A 598 4.29 6.24 19.98
N THR A 599 3.95 7.48 19.61
CA THR A 599 4.70 8.17 18.57
C THR A 599 6.12 8.46 19.06
N VAL A 600 7.12 8.12 18.25
CA VAL A 600 8.52 8.36 18.59
C VAL A 600 9.15 9.14 17.44
N ARG A 601 9.61 10.35 17.73
CA ARG A 601 10.26 11.17 16.72
C ARG A 601 11.74 10.83 16.63
N GLU A 602 12.33 11.16 15.48
CA GLU A 602 13.74 10.87 15.25
C GLU A 602 14.61 11.60 16.27
N GLY A 603 15.52 10.86 16.90
CA GLY A 603 16.40 11.40 17.92
C GLY A 603 15.94 11.15 19.33
N GLN A 604 14.68 10.79 19.53
CA GLN A 604 14.16 10.55 20.86
C GLN A 604 14.65 9.20 21.40
N THR A 605 14.46 9.00 22.70
CA THR A 605 14.87 7.78 23.38
C THR A 605 13.64 7.08 23.95
N ILE A 606 13.49 5.81 23.63
CA ILE A 606 12.42 4.99 24.20
C ILE A 606 12.95 4.40 25.50
N CYS A 607 12.35 4.79 26.62
CA CYS A 607 12.70 4.24 27.92
C CYS A 607 11.67 3.22 28.34
N VAL A 608 12.11 1.99 28.55
CA VAL A 608 11.22 0.91 28.94
C VAL A 608 11.65 0.38 30.30
N ARG A 609 10.67 -0.03 31.09
CA ARG A 609 10.89 -0.64 32.39
C ARG A 609 10.29 -2.04 32.36
N PHE A 610 11.05 -3.03 32.82
CA PHE A 610 10.61 -4.43 32.83
C PHE A 610 10.83 -5.02 34.21
N TRP A 611 9.80 -5.65 34.74
CA TRP A 611 9.85 -6.32 36.03
C TRP A 611 9.66 -7.81 35.84
N ARG A 612 10.39 -8.60 36.63
CA ARG A 612 10.15 -10.02 36.81
C ARG A 612 9.68 -10.21 38.24
N CYS A 613 8.39 -10.45 38.42
CA CYS A 613 7.76 -10.55 39.72
C CYS A 613 7.35 -12.00 39.99
N SER A 614 7.07 -12.28 41.26
CA SER A 614 6.74 -13.65 41.64
C SER A 614 6.13 -13.67 43.04
N ASN A 615 5.40 -14.73 43.32
CA ASN A 615 5.03 -15.10 44.68
C ASN A 615 5.29 -16.59 44.82
N SER A 616 4.58 -17.24 45.74
CA SER A 616 4.80 -18.66 45.95
C SER A 616 4.25 -19.51 44.80
N LYS A 617 3.24 -19.01 44.10
CA LYS A 617 2.51 -19.81 43.13
C LYS A 617 2.79 -19.46 41.67
N LYS A 618 3.17 -18.22 41.37
CA LYS A 618 3.28 -17.82 39.98
C LYS A 618 4.35 -16.76 39.80
N VAL A 619 4.89 -16.70 38.59
CA VAL A 619 5.84 -15.69 38.15
C VAL A 619 5.24 -14.98 36.95
N TRP A 620 5.49 -13.68 36.84
CA TRP A 620 4.97 -12.91 35.73
C TRP A 620 5.89 -11.74 35.43
N TYR A 621 5.64 -11.09 34.30
CA TYR A 621 6.34 -9.89 33.89
C TYR A 621 5.41 -8.70 33.93
N GLU A 622 5.93 -7.55 34.34
CA GLU A 622 5.27 -6.28 34.19
C GLU A 622 6.19 -5.35 33.41
N TRP A 623 5.60 -4.49 32.57
CA TRP A 623 6.41 -3.60 31.77
C TRP A 623 5.67 -2.28 31.56
N ALA A 624 6.46 -1.23 31.31
CA ALA A 624 5.92 0.10 31.08
C ALA A 624 6.93 0.93 30.32
N VAL A 625 6.44 1.78 29.44
CA VAL A 625 7.24 2.79 28.77
C VAL A 625 7.16 4.07 29.59
N THR A 626 8.30 4.74 29.77
CA THR A 626 8.35 5.98 30.53
C THR A 626 8.87 7.17 29.73
N ALA A 627 9.34 6.98 28.50
CA ALA A 627 9.79 8.06 27.65
C ALA A 627 9.73 7.57 26.21
N PRO A 628 9.40 8.43 25.23
CA PRO A 628 9.14 9.88 25.33
C PRO A 628 7.83 10.21 26.02
N VAL A 629 6.96 9.23 26.20
CA VAL A 629 5.72 9.38 26.96
C VAL A 629 5.50 8.12 27.77
N CYS A 630 4.77 8.26 28.87
CA CYS A 630 4.52 7.13 29.75
C CYS A 630 3.34 6.31 29.26
N SER A 631 3.49 4.99 29.35
CA SER A 631 2.39 4.07 29.14
C SER A 631 1.85 3.61 30.51
N ALA A 632 0.75 2.89 30.48
CA ALA A 632 0.28 2.22 31.68
C ALA A 632 1.22 1.07 32.02
N ILE A 633 1.30 0.75 33.30
CA ILE A 633 2.04 -0.44 33.72
C ILE A 633 1.25 -1.66 33.29
N HIS A 634 1.85 -2.49 32.43
CA HIS A 634 1.16 -3.60 31.81
C HIS A 634 1.26 -4.85 32.67
N ASN A 635 0.16 -5.60 32.71
CA ASN A 635 0.04 -6.82 33.50
C ASN A 635 0.39 -6.60 34.98
N PRO A 636 -0.26 -5.65 35.66
CA PRO A 636 0.01 -5.45 37.08
C PRO A 636 -0.55 -6.61 37.90
N THR A 637 0.26 -7.09 38.85
CA THR A 637 -0.08 -8.23 39.71
C THR A 637 -0.39 -9.49 38.90
N GLY A 638 0.10 -9.57 37.67
CA GLY A 638 -0.18 -10.72 36.83
C GLY A 638 -1.65 -10.93 36.54
N ARG A 639 -2.43 -9.85 36.50
CA ARG A 639 -3.87 -9.99 36.32
C ARG A 639 -4.22 -10.60 34.96
N SER A 640 -3.40 -10.36 33.95
CA SER A 640 -3.66 -10.86 32.61
C SER A 640 -2.78 -12.02 32.20
N TYR A 641 -1.62 -12.20 32.82
CA TYR A 641 -0.68 -13.24 32.41
C TYR A 641 0.20 -13.63 33.58
N THR A 642 0.21 -14.94 33.89
CA THR A 642 1.10 -15.50 34.90
C THR A 642 1.73 -16.77 34.35
N ILE A 643 2.86 -17.15 34.96
CA ILE A 643 3.55 -18.39 34.64
C ILE A 643 3.53 -19.25 35.90
N GLY A 644 2.84 -20.38 35.83
CA GLY A 644 2.62 -21.18 37.03
C GLY A 644 3.89 -21.85 37.52
N LEU A 645 4.09 -21.80 38.82
CA LEU A 645 5.16 -22.53 39.49
C LEU A 645 4.70 -23.93 39.87
N CYS B 34 -25.89 2.57 -32.94
CA CYS B 34 -24.70 3.17 -33.53
C CYS B 34 -24.05 4.18 -32.58
N MET B 35 -24.63 5.37 -32.49
CA MET B 35 -24.08 6.42 -31.64
C MET B 35 -24.44 6.16 -30.18
N GLU B 36 -23.52 6.53 -29.30
CA GLU B 36 -23.70 6.34 -27.87
C GLU B 36 -24.36 7.56 -27.24
N ARG B 37 -24.81 7.38 -25.99
CA ARG B 37 -25.66 8.38 -25.34
C ARG B 37 -24.88 9.65 -25.02
N GLN B 38 -23.74 9.51 -24.35
CA GLN B 38 -23.03 10.65 -23.77
C GLN B 38 -22.27 11.39 -24.86
N LEU B 39 -22.92 12.40 -25.42
CA LEU B 39 -22.24 13.30 -26.35
C LEU B 39 -21.20 14.13 -25.61
N GLU B 40 -19.98 14.17 -26.14
CA GLU B 40 -18.85 14.81 -25.46
C GLU B 40 -18.32 16.04 -26.17
N ALA B 41 -18.26 16.03 -27.50
CA ALA B 41 -17.62 17.13 -28.23
C ALA B 41 -18.44 17.53 -29.44
N ALA B 42 -18.46 18.83 -29.73
CA ALA B 42 -19.11 19.38 -30.91
C ALA B 42 -18.25 20.53 -31.42
N ARG B 43 -17.79 20.42 -32.67
CA ARG B 43 -16.89 21.41 -33.25
C ARG B 43 -17.32 21.73 -34.68
N TYR B 44 -17.48 23.01 -35.00
CA TYR B 44 -17.82 23.42 -36.35
C TYR B 44 -16.55 23.59 -37.19
N ARG B 45 -16.51 22.90 -38.33
CA ARG B 45 -15.48 23.17 -39.31
C ARG B 45 -15.76 24.50 -40.00
N SER B 46 -14.71 25.12 -40.52
CA SER B 46 -14.82 26.44 -41.12
C SER B 46 -15.78 26.50 -42.31
N ASP B 47 -16.26 25.34 -42.78
CA ASP B 47 -17.25 25.30 -43.85
C ASP B 47 -18.67 25.04 -43.34
N GLY B 48 -18.87 24.97 -42.02
CA GLY B 48 -20.18 24.80 -41.45
C GLY B 48 -20.51 23.39 -41.00
N ALA B 49 -19.70 22.40 -41.37
CA ALA B 49 -19.97 21.02 -40.97
C ALA B 49 -19.71 20.85 -39.47
N LEU B 50 -20.40 19.87 -38.88
CA LEU B 50 -20.38 19.64 -37.44
C LEU B 50 -19.70 18.32 -37.14
N LEU B 51 -18.65 18.36 -36.33
CA LEU B 51 -17.95 17.18 -35.85
C LEU B 51 -18.46 16.86 -34.45
N LEU B 52 -19.01 15.66 -34.29
CA LEU B 52 -19.50 15.18 -33.01
C LEU B 52 -18.61 14.06 -32.48
N GLY B 53 -18.37 14.07 -31.19
CA GLY B 53 -17.64 13.01 -30.53
C GLY B 53 -18.41 12.52 -29.32
N ALA B 54 -18.73 11.23 -29.30
CA ALA B 54 -19.59 10.66 -28.26
C ALA B 54 -18.91 9.47 -27.62
N SER B 55 -19.39 9.12 -26.42
CA SER B 55 -18.91 7.97 -25.68
C SER B 55 -20.08 7.29 -24.99
N SER B 56 -19.92 6.01 -24.71
CA SER B 56 -20.87 5.26 -23.88
C SER B 56 -20.24 5.12 -22.50
N LEU B 57 -20.69 5.95 -21.57
CA LEU B 57 -20.18 5.93 -20.21
C LEU B 57 -20.99 5.02 -19.30
N SER B 58 -21.86 4.19 -19.87
CA SER B 58 -22.62 3.21 -19.11
C SER B 58 -23.09 2.13 -20.07
N GLY B 59 -23.47 1.00 -19.50
CA GLY B 59 -23.85 -0.15 -20.30
C GLY B 59 -22.73 -1.15 -20.44
N ARG B 60 -22.96 -2.13 -21.32
CA ARG B 60 -22.00 -3.22 -21.48
C ARG B 60 -20.70 -2.73 -22.07
N CYS B 61 -20.75 -1.99 -23.16
CA CYS B 61 -19.57 -1.55 -23.89
CA CYS B 61 -19.57 -1.55 -23.89
C CYS B 61 -19.30 -0.08 -23.59
N TRP B 62 -18.08 0.21 -23.13
CA TRP B 62 -17.65 1.59 -22.85
C TRP B 62 -16.72 2.02 -23.98
N ALA B 63 -17.33 2.36 -25.12
CA ALA B 63 -16.56 2.78 -26.28
C ALA B 63 -16.86 4.22 -26.66
N GLY B 64 -16.64 4.57 -27.92
CA GLY B 64 -16.89 5.92 -28.37
C GLY B 64 -17.05 5.95 -29.88
N SER B 65 -17.36 7.14 -30.40
CA SER B 65 -17.62 7.27 -31.82
C SER B 65 -17.37 8.71 -32.25
N LEU B 66 -16.96 8.84 -33.52
CA LEU B 66 -16.75 10.13 -34.18
C LEU B 66 -17.75 10.25 -35.33
N TRP B 67 -18.28 11.44 -35.53
CA TRP B 67 -19.30 11.67 -36.54
C TRP B 67 -19.08 13.02 -37.22
N LEU B 68 -19.42 13.07 -38.50
CA LEU B 68 -19.41 14.31 -39.28
C LEU B 68 -20.79 14.49 -39.89
N PHE B 69 -21.42 15.62 -39.58
CA PHE B 69 -22.73 16.00 -40.11
C PHE B 69 -22.56 17.26 -40.96
N LYS B 70 -22.66 17.10 -42.28
CA LYS B 70 -22.71 18.27 -43.15
C LYS B 70 -24.06 18.96 -43.06
N ASP B 71 -25.11 18.24 -42.65
CA ASP B 71 -26.37 18.83 -42.27
C ASP B 71 -26.41 18.90 -40.74
N PRO B 72 -26.07 20.03 -40.12
CA PRO B 72 -25.99 20.07 -38.66
C PRO B 72 -27.34 19.92 -37.98
N CYS B 73 -28.44 20.22 -38.66
CA CYS B 73 -29.76 20.07 -38.06
C CYS B 73 -30.19 18.61 -37.96
N ALA B 74 -29.64 17.73 -38.80
CA ALA B 74 -29.98 16.32 -38.74
C ALA B 74 -29.33 15.60 -37.57
N ALA B 75 -28.29 16.18 -36.98
CA ALA B 75 -27.64 15.57 -35.83
C ALA B 75 -28.60 15.53 -34.64
N PRO B 76 -28.49 14.50 -33.78
CA PRO B 76 -27.52 13.39 -33.81
C PRO B 76 -28.05 12.12 -34.46
N ASN B 77 -28.94 12.21 -35.44
CA ASN B 77 -29.47 11.01 -36.10
C ASN B 77 -28.36 10.36 -36.92
N GLU B 78 -28.08 9.07 -36.62
CA GLU B 78 -26.95 8.40 -37.26
C GLU B 78 -27.20 8.19 -38.75
N GLY B 79 -28.41 7.78 -39.12
CA GLY B 79 -28.70 7.46 -40.52
C GLY B 79 -28.53 8.61 -41.48
N PHE B 80 -28.66 9.84 -41.00
CA PHE B 80 -28.52 11.04 -41.83
C PHE B 80 -27.25 11.80 -41.51
N CYS B 81 -26.14 11.08 -41.36
CA CYS B 81 -24.84 11.69 -41.09
C CYS B 81 -23.96 11.59 -42.33
N SER B 82 -23.01 12.51 -42.44
CA SER B 82 -22.09 12.47 -43.57
C SER B 82 -21.05 11.37 -43.38
N ALA B 83 -20.59 11.17 -42.15
CA ALA B 83 -19.62 10.12 -41.88
C ALA B 83 -19.69 9.74 -40.41
N GLY B 84 -19.21 8.55 -40.10
CA GLY B 84 -19.20 8.07 -38.72
C GLY B 84 -18.30 6.86 -38.60
N VAL B 85 -17.66 6.76 -37.43
CA VAL B 85 -16.73 5.66 -37.16
C VAL B 85 -16.76 5.36 -35.67
N GLN B 86 -16.43 4.12 -35.33
CA GLN B 86 -16.41 3.64 -33.96
C GLN B 86 -14.97 3.57 -33.47
N THR B 87 -14.70 4.14 -32.30
CA THR B 87 -13.40 4.07 -31.66
C THR B 87 -13.41 2.95 -30.61
N GLU B 88 -12.20 2.51 -30.24
CA GLU B 88 -12.10 1.40 -29.29
C GLU B 88 -12.51 1.81 -27.88
N ALA B 89 -12.27 3.06 -27.50
CA ALA B 89 -12.56 3.55 -26.16
C ALA B 89 -13.35 4.84 -26.26
N GLY B 90 -13.68 5.40 -25.11
CA GLY B 90 -14.45 6.63 -25.08
C GLY B 90 -13.64 7.84 -25.51
N VAL B 91 -14.37 8.85 -25.98
CA VAL B 91 -13.79 10.11 -26.42
C VAL B 91 -13.93 11.10 -25.27
N ALA B 92 -12.80 11.50 -24.69
CA ALA B 92 -12.83 12.50 -23.63
C ALA B 92 -12.70 13.92 -24.15
N ASP B 93 -12.11 14.10 -25.33
CA ASP B 93 -11.99 15.44 -25.92
C ASP B 93 -11.71 15.29 -27.41
N LEU B 94 -12.08 16.33 -28.16
CA LEU B 94 -11.87 16.36 -29.60
C LEU B 94 -11.39 17.74 -30.02
N THR B 95 -10.83 17.79 -31.23
CA THR B 95 -10.48 19.04 -31.90
C THR B 95 -10.10 18.72 -33.33
N TRP B 96 -10.28 19.70 -34.21
CA TRP B 96 -9.91 19.56 -35.60
C TRP B 96 -8.40 19.71 -35.76
N VAL B 97 -7.87 19.13 -36.84
CA VAL B 97 -6.50 19.35 -37.28
C VAL B 97 -6.60 19.78 -38.75
N GLY B 98 -6.71 21.08 -38.97
CA GLY B 98 -6.97 21.57 -40.32
C GLY B 98 -8.44 21.38 -40.67
N GLU B 99 -8.69 20.88 -41.88
CA GLU B 99 -10.05 20.61 -42.34
C GLU B 99 -10.37 19.13 -42.46
N ARG B 100 -9.36 18.26 -42.46
CA ARG B 100 -9.58 16.83 -42.60
C ARG B 100 -9.20 16.02 -41.36
N GLY B 101 -8.50 16.62 -40.40
CA GLY B 101 -7.99 15.90 -39.25
C GLY B 101 -8.88 16.01 -38.03
N ILE B 102 -8.91 14.92 -37.26
CA ILE B 102 -9.67 14.83 -36.01
C ILE B 102 -8.73 14.27 -34.95
N LEU B 103 -8.48 15.05 -33.90
CA LEU B 103 -7.58 14.66 -32.82
C LEU B 103 -8.39 14.24 -31.61
N VAL B 104 -8.16 13.02 -31.14
CA VAL B 104 -8.96 12.38 -30.12
C VAL B 104 -8.11 12.12 -28.88
N ALA B 105 -8.61 12.54 -27.73
CA ALA B 105 -8.10 12.10 -26.44
C ALA B 105 -8.94 10.91 -25.99
N SER B 106 -8.29 9.77 -25.73
CA SER B 106 -9.00 8.54 -25.46
C SER B 106 -8.92 8.16 -23.98
N ASP B 107 -9.91 7.39 -23.54
CA ASP B 107 -9.86 6.80 -22.20
C ASP B 107 -8.70 5.83 -22.06
N SER B 108 -8.30 5.19 -23.16
CA SER B 108 -7.23 4.20 -23.15
C SER B 108 -5.86 4.78 -22.85
N GLY B 109 -5.76 6.09 -22.65
CA GLY B 109 -4.47 6.74 -22.55
C GLY B 109 -3.86 7.10 -23.88
N ALA B 110 -4.61 6.98 -24.97
CA ALA B 110 -4.09 7.20 -26.30
C ALA B 110 -4.46 8.58 -26.82
N VAL B 111 -3.55 9.13 -27.62
CA VAL B 111 -3.86 10.25 -28.49
C VAL B 111 -4.00 9.67 -29.90
N GLU B 112 -5.14 9.92 -30.52
CA GLU B 112 -5.43 9.37 -31.84
C GLU B 112 -5.58 10.51 -32.84
N LEU B 113 -5.08 10.30 -34.05
CA LEU B 113 -5.34 11.19 -35.17
C LEU B 113 -6.08 10.38 -36.23
N TRP B 114 -7.30 10.81 -36.53
CA TRP B 114 -8.10 10.28 -37.61
C TRP B 114 -8.18 11.32 -38.72
N GLU B 115 -8.53 10.88 -39.92
CA GLU B 115 -8.67 11.80 -41.04
C GLU B 115 -9.82 11.36 -41.92
N LEU B 116 -10.39 12.32 -42.62
CA LEU B 116 -11.53 12.06 -43.49
C LEU B 116 -11.08 11.51 -44.84
N ASP B 117 -12.02 10.85 -45.52
CA ASP B 117 -11.77 10.30 -46.84
C ASP B 117 -11.53 11.44 -47.84
N GLU B 118 -11.03 11.08 -49.02
CA GLU B 118 -10.93 12.03 -50.12
C GLU B 118 -12.28 12.62 -50.46
N ASN B 119 -13.35 11.84 -50.29
CA ASN B 119 -14.72 12.29 -50.44
C ASN B 119 -15.40 12.57 -49.11
N GLU B 120 -14.67 12.41 -48.00
CA GLU B 120 -15.20 12.68 -46.66
C GLU B 120 -16.40 11.81 -46.33
N THR B 121 -16.36 10.56 -46.78
CA THR B 121 -17.38 9.57 -46.44
C THR B 121 -16.91 8.58 -45.39
N LEU B 122 -15.61 8.55 -45.10
CA LEU B 122 -15.05 7.66 -44.10
C LEU B 122 -14.18 8.45 -43.12
N ILE B 123 -13.98 7.86 -41.95
CA ILE B 123 -13.09 8.41 -40.93
C ILE B 123 -12.10 7.30 -40.58
N VAL B 124 -10.85 7.46 -41.00
CA VAL B 124 -9.83 6.42 -40.90
C VAL B 124 -8.79 6.83 -39.87
N SER B 125 -8.27 5.87 -39.12
CA SER B 125 -7.27 6.12 -38.10
C SER B 125 -5.91 6.33 -38.75
N LYS B 126 -5.34 7.53 -38.60
CA LYS B 126 -4.01 7.78 -39.09
C LYS B 126 -2.93 7.35 -38.10
N PHE B 127 -3.12 7.66 -36.82
CA PHE B 127 -2.27 7.04 -35.80
C PHE B 127 -3.03 6.95 -34.48
N CYS B 128 -2.52 6.09 -33.59
CA CYS B 128 -3.08 5.89 -32.26
C CYS B 128 -1.91 5.56 -31.34
N LYS B 129 -1.47 6.54 -30.55
CA LYS B 129 -0.26 6.39 -29.73
C LYS B 129 -0.64 6.36 -28.26
N TYR B 130 -0.21 5.30 -27.57
CA TYR B 130 -0.45 5.14 -26.13
C TYR B 130 0.80 5.62 -25.38
N GLU B 131 0.88 6.93 -25.15
CA GLU B 131 1.98 7.49 -24.40
C GLU B 131 1.59 7.97 -23.01
N HIS B 132 0.30 8.15 -22.74
CA HIS B 132 -0.17 8.49 -21.42
C HIS B 132 -0.49 7.21 -20.63
N ASP B 133 -0.34 7.29 -19.31
CA ASP B 133 -0.60 6.16 -18.43
C ASP B 133 -2.01 6.17 -17.85
N ASP B 134 -2.84 7.14 -18.22
CA ASP B 134 -4.20 7.24 -17.72
C ASP B 134 -5.04 7.95 -18.78
N ILE B 135 -6.30 8.23 -18.43
CA ILE B 135 -7.23 8.85 -19.38
C ILE B 135 -6.68 10.18 -19.86
N VAL B 136 -6.56 10.32 -21.18
CA VAL B 136 -6.24 11.62 -21.78
C VAL B 136 -7.52 12.45 -21.77
N SER B 137 -7.50 13.56 -21.03
CA SER B 137 -8.70 14.33 -20.76
C SER B 137 -8.88 15.55 -21.65
N THR B 138 -7.80 16.06 -22.24
CA THR B 138 -7.89 17.30 -23.00
C THR B 138 -6.81 17.34 -24.08
N VAL B 139 -7.17 17.94 -25.21
CA VAL B 139 -6.25 18.14 -26.33
C VAL B 139 -6.50 19.51 -26.93
N SER B 140 -5.45 20.10 -27.50
CA SER B 140 -5.53 21.41 -28.12
C SER B 140 -4.44 21.52 -29.17
N VAL B 141 -4.85 21.86 -30.39
CA VAL B 141 -3.90 22.00 -31.50
C VAL B 141 -3.26 23.37 -31.43
N LEU B 142 -1.93 23.40 -31.54
CA LEU B 142 -1.19 24.66 -31.50
C LEU B 142 -1.44 25.48 -32.77
N SER B 143 -0.91 26.70 -32.77
CA SER B 143 -1.25 27.65 -33.82
C SER B 143 -0.77 27.21 -35.20
N SER B 144 0.37 26.51 -35.27
CA SER B 144 0.87 26.07 -36.57
C SER B 144 -0.04 25.05 -37.22
N GLY B 145 -0.74 24.24 -36.42
CA GLY B 145 -1.56 23.17 -36.94
C GLY B 145 -0.83 21.86 -37.14
N THR B 146 0.50 21.83 -36.97
CA THR B 146 1.29 20.62 -37.13
C THR B 146 1.70 20.01 -35.79
N GLN B 147 1.47 20.70 -34.68
CA GLN B 147 1.80 20.20 -33.35
C GLN B 147 0.59 20.35 -32.44
N ALA B 148 0.59 19.56 -31.36
CA ALA B 148 -0.54 19.54 -30.44
C ALA B 148 -0.04 19.38 -29.02
N VAL B 149 -0.95 19.59 -28.06
CA VAL B 149 -0.65 19.43 -26.64
C VAL B 149 -1.82 18.69 -25.99
N SER B 150 -1.48 17.66 -25.21
CA SER B 150 -2.47 16.82 -24.55
C SER B 150 -2.21 16.79 -23.05
N GLY B 151 -3.29 16.77 -22.29
CA GLY B 151 -3.23 16.59 -20.86
C GLY B 151 -4.04 15.37 -20.46
N SER B 152 -3.67 14.80 -19.32
CA SER B 152 -4.22 13.52 -18.91
C SER B 152 -4.29 13.46 -17.40
N LYS B 153 -5.03 12.45 -16.92
CA LYS B 153 -5.11 12.13 -15.50
C LYS B 153 -3.82 11.55 -14.94
N ASP B 154 -2.86 11.18 -15.80
CA ASP B 154 -1.54 10.76 -15.35
C ASP B 154 -0.66 11.95 -14.98
N ILE B 155 -1.26 13.14 -14.86
CA ILE B 155 -0.62 14.35 -14.32
C ILE B 155 0.37 14.93 -15.33
N CYS B 156 0.57 14.24 -16.45
CA CYS B 156 1.55 14.67 -17.44
C CYS B 156 0.89 15.44 -18.58
N ILE B 157 1.70 16.29 -19.22
CA ILE B 157 1.29 17.07 -20.39
C ILE B 157 2.30 16.80 -21.49
N LYS B 158 1.81 16.51 -22.70
CA LYS B 158 2.68 16.06 -23.78
C LYS B 158 2.51 16.95 -25.00
N VAL B 159 3.63 17.37 -25.59
CA VAL B 159 3.68 18.10 -26.84
C VAL B 159 4.01 17.11 -27.94
N TRP B 160 3.12 17.02 -28.92
CA TRP B 160 3.16 16.06 -30.01
C TRP B 160 3.45 16.74 -31.34
N ASP B 161 4.23 16.06 -32.18
CA ASP B 161 4.40 16.41 -33.59
C ASP B 161 3.41 15.58 -34.39
N LEU B 162 2.42 16.24 -34.99
CA LEU B 162 1.33 15.52 -35.67
C LEU B 162 1.77 14.90 -37.00
N ALA B 163 2.91 15.29 -37.54
CA ALA B 163 3.41 14.68 -38.77
C ALA B 163 4.28 13.47 -38.51
N GLN B 164 5.19 13.57 -37.53
CA GLN B 164 6.04 12.44 -37.16
C GLN B 164 5.35 11.46 -36.23
N GLN B 165 4.19 11.81 -35.68
CA GLN B 165 3.40 10.92 -34.82
C GLN B 165 4.18 10.50 -33.58
N VAL B 166 4.95 11.43 -33.01
CA VAL B 166 5.77 11.18 -31.84
C VAL B 166 5.56 12.28 -30.82
N VAL B 167 6.00 12.02 -29.60
CA VAL B 167 5.90 12.99 -28.50
C VAL B 167 7.19 13.80 -28.49
N LEU B 168 7.07 15.10 -28.82
CA LEU B 168 8.23 15.97 -28.76
C LEU B 168 8.65 16.23 -27.32
N SER B 169 7.68 16.43 -26.43
CA SER B 169 8.01 16.79 -25.06
C SER B 169 7.02 16.16 -24.09
N SER B 170 7.52 15.80 -22.91
CA SER B 170 6.70 15.25 -21.83
C SER B 170 7.04 16.00 -20.55
N TYR B 171 6.09 16.77 -20.03
CA TYR B 171 6.28 17.58 -18.84
C TYR B 171 5.42 17.04 -17.71
N ARG B 172 6.01 16.86 -16.54
CA ARG B 172 5.27 16.56 -15.32
C ARG B 172 5.38 17.75 -14.38
N ALA B 173 4.66 18.82 -14.72
CA ALA B 173 4.68 20.05 -13.92
C ALA B 173 3.62 20.07 -12.84
N HIS B 174 2.47 19.45 -13.08
CA HIS B 174 1.38 19.45 -12.12
C HIS B 174 1.58 18.37 -11.07
N ALA B 175 0.68 18.36 -10.08
CA ALA B 175 0.69 17.35 -9.03
C ALA B 175 -0.63 16.59 -8.93
N ALA B 176 -1.54 16.80 -9.88
CA ALA B 176 -2.82 16.13 -9.89
C ALA B 176 -3.30 16.02 -11.34
N GLN B 177 -4.54 15.59 -11.52
CA GLN B 177 -5.08 15.37 -12.85
C GLN B 177 -5.12 16.66 -13.66
N VAL B 178 -4.54 16.62 -14.85
CA VAL B 178 -4.57 17.78 -15.75
C VAL B 178 -6.01 17.94 -16.26
N THR B 179 -6.66 19.04 -15.87
CA THR B 179 -8.07 19.20 -16.21
C THR B 179 -8.24 19.78 -17.61
N CYS B 180 -7.39 20.73 -18.00
CA CYS B 180 -7.55 21.37 -19.30
C CYS B 180 -6.22 21.87 -19.81
N VAL B 181 -6.03 21.78 -21.12
CA VAL B 181 -4.93 22.43 -21.83
C VAL B 181 -5.51 23.19 -23.01
N ALA B 182 -4.96 24.36 -23.29
CA ALA B 182 -5.49 25.24 -24.33
C ALA B 182 -4.33 25.94 -25.03
N ALA B 183 -4.13 25.62 -26.30
CA ALA B 183 -3.07 26.26 -27.08
C ALA B 183 -3.41 27.73 -27.31
N SER B 184 -2.37 28.57 -27.29
CA SER B 184 -2.57 29.97 -27.63
C SER B 184 -2.96 30.08 -29.11
N PRO B 185 -3.83 31.05 -29.45
CA PRO B 185 -4.34 31.10 -30.82
C PRO B 185 -3.28 31.37 -31.88
N HIS B 186 -2.21 32.11 -31.56
CA HIS B 186 -1.26 32.54 -32.57
C HIS B 186 0.20 32.32 -32.22
N LYS B 187 0.52 31.68 -31.10
CA LYS B 187 1.90 31.42 -30.71
C LYS B 187 2.07 29.92 -30.54
N ASP B 188 2.92 29.32 -31.38
CA ASP B 188 3.09 27.87 -31.41
C ASP B 188 3.85 27.33 -30.21
N SER B 189 4.45 28.20 -29.40
CA SER B 189 5.22 27.79 -28.23
C SER B 189 4.53 28.10 -26.92
N VAL B 190 3.35 28.73 -26.95
CA VAL B 190 2.67 29.19 -25.76
C VAL B 190 1.32 28.47 -25.65
N PHE B 191 1.00 28.02 -24.44
CA PHE B 191 -0.33 27.48 -24.16
C PHE B 191 -0.63 27.62 -22.67
N LEU B 192 -1.77 27.09 -22.26
CA LEU B 192 -2.22 27.14 -20.88
C LEU B 192 -2.60 25.74 -20.40
N SER B 193 -2.44 25.52 -19.10
CA SER B 193 -2.88 24.29 -18.48
C SER B 193 -3.49 24.60 -17.12
N CYS B 194 -4.42 23.75 -16.71
CA CYS B 194 -5.00 23.85 -15.38
C CYS B 194 -5.32 22.43 -14.89
N SER B 195 -5.08 22.20 -13.61
CA SER B 195 -5.16 20.86 -13.03
C SER B 195 -5.84 20.94 -11.67
N GLU B 196 -6.09 19.77 -11.08
CA GLU B 196 -6.70 19.69 -9.76
C GLU B 196 -5.72 19.99 -8.63
N ASP B 197 -4.46 20.27 -8.95
CA ASP B 197 -3.51 20.78 -7.96
C ASP B 197 -3.65 22.28 -7.75
N ASN B 198 -4.74 22.88 -8.26
CA ASN B 198 -5.06 24.29 -8.08
C ASN B 198 -4.03 25.19 -8.76
N ARG B 199 -3.45 24.74 -9.86
CA ARG B 199 -2.45 25.51 -10.60
C ARG B 199 -2.98 25.87 -11.98
N ILE B 200 -2.85 27.14 -12.34
CA ILE B 200 -2.99 27.59 -13.72
C ILE B 200 -1.59 27.94 -14.21
N LEU B 201 -1.14 27.25 -15.25
CA LEU B 201 0.23 27.35 -15.74
C LEU B 201 0.23 27.93 -17.15
N LEU B 202 0.94 29.03 -17.33
CA LEU B 202 1.24 29.58 -18.64
C LEU B 202 2.53 28.94 -19.13
N TRP B 203 2.48 28.32 -20.31
CA TRP B 203 3.60 27.56 -20.86
C TRP B 203 4.18 28.31 -22.04
N ASP B 204 5.50 28.49 -22.03
CA ASP B 204 6.26 28.99 -23.18
C ASP B 204 7.46 28.06 -23.33
N THR B 205 7.41 27.17 -24.32
CA THR B 205 8.45 26.15 -24.50
C THR B 205 9.79 26.73 -24.92
N ARG B 206 9.89 28.05 -25.13
CA ARG B 206 11.16 28.69 -25.43
C ARG B 206 11.99 28.97 -24.18
N CYS B 207 11.48 28.66 -22.98
CA CYS B 207 12.16 28.88 -21.73
C CYS B 207 12.72 27.59 -21.16
N PRO B 208 13.86 27.65 -20.47
CA PRO B 208 14.39 26.44 -19.82
C PRO B 208 13.39 25.81 -18.86
N LYS B 209 12.77 26.63 -18.00
CA LYS B 209 11.63 26.19 -17.21
C LYS B 209 10.37 26.74 -17.88
N PRO B 210 9.67 25.94 -18.69
CA PRO B 210 8.64 26.50 -19.58
C PRO B 210 7.36 26.94 -18.87
N ALA B 211 7.08 26.43 -17.68
CA ALA B 211 5.83 26.71 -16.99
C ALA B 211 5.99 27.89 -16.03
N SER B 212 4.93 28.68 -15.92
CA SER B 212 4.86 29.80 -14.98
C SER B 212 3.50 29.78 -14.32
N GLN B 213 3.47 29.72 -13.00
CA GLN B 213 2.21 29.68 -12.27
C GLN B 213 1.61 31.07 -12.18
N ILE B 214 0.34 31.20 -12.56
CA ILE B 214 -0.35 32.48 -12.54
C ILE B 214 -1.65 32.35 -11.77
N GLY B 215 -2.55 33.30 -11.93
CA GLY B 215 -3.86 33.22 -11.32
C GLY B 215 -3.88 33.75 -9.89
N CYS B 216 -4.98 33.45 -9.21
CA CYS B 216 -5.21 33.95 -7.86
C CYS B 216 -4.12 33.50 -6.91
N SER B 217 -3.55 34.47 -6.17
CA SER B 217 -2.51 34.18 -5.19
C SER B 217 -3.06 33.58 -3.90
N ALA B 218 -4.39 33.54 -3.73
CA ALA B 218 -5.09 32.86 -2.66
C ALA B 218 -5.69 31.56 -3.18
N PRO B 219 -5.77 30.51 -2.36
CA PRO B 219 -6.25 29.22 -2.85
C PRO B 219 -7.70 29.25 -3.30
N GLY B 220 -7.94 29.74 -4.52
CA GLY B 220 -9.26 29.71 -5.09
C GLY B 220 -9.70 28.29 -5.41
N TYR B 221 -10.96 28.18 -5.81
CA TYR B 221 -11.50 26.87 -6.15
C TYR B 221 -10.85 26.35 -7.44
N LEU B 222 -10.88 25.03 -7.59
CA LEU B 222 -10.07 24.37 -8.60
C LEU B 222 -10.43 24.84 -10.00
N PRO B 223 -9.45 25.22 -10.83
CA PRO B 223 -9.77 25.61 -12.20
C PRO B 223 -10.15 24.40 -13.05
N THR B 224 -11.20 24.56 -13.85
CA THR B 224 -11.77 23.46 -14.61
C THR B 224 -11.86 23.70 -16.10
N SER B 225 -11.84 24.95 -16.56
CA SER B 225 -11.94 25.23 -17.99
C SER B 225 -11.13 26.47 -18.33
N LEU B 226 -10.50 26.45 -19.51
CA LEU B 226 -9.66 27.54 -19.97
C LEU B 226 -10.07 27.96 -21.38
N ALA B 227 -9.86 29.25 -21.69
CA ALA B 227 -10.13 29.74 -23.04
C ALA B 227 -9.36 31.03 -23.26
N TRP B 228 -8.47 31.02 -24.25
CA TRP B 228 -7.79 32.25 -24.66
C TRP B 228 -8.78 33.23 -25.29
N HIS B 229 -8.52 34.51 -25.10
CA HIS B 229 -9.30 35.53 -25.78
C HIS B 229 -8.88 35.59 -27.25
N PRO B 230 -9.82 35.63 -28.19
CA PRO B 230 -9.46 35.55 -29.60
C PRO B 230 -8.70 36.77 -30.12
N GLN B 231 -8.78 37.91 -29.45
CA GLN B 231 -8.24 39.14 -29.98
C GLN B 231 -7.14 39.76 -29.12
N GLN B 232 -7.13 39.51 -27.81
CA GLN B 232 -6.27 40.27 -26.90
C GLN B 232 -5.04 39.49 -26.45
N SER B 233 -4.66 38.44 -27.18
CA SER B 233 -3.34 37.80 -27.06
C SER B 233 -2.97 37.38 -25.65
N GLU B 234 -2.87 38.35 -24.74
CA GLU B 234 -2.39 38.12 -23.38
C GLU B 234 -3.52 37.92 -22.37
N VAL B 235 -4.74 37.69 -22.84
CA VAL B 235 -5.91 37.64 -21.98
C VAL B 235 -6.58 36.27 -22.11
N PHE B 236 -7.04 35.72 -20.99
CA PHE B 236 -7.75 34.45 -21.03
C PHE B 236 -8.79 34.40 -19.92
N VAL B 237 -9.78 33.52 -20.10
CA VAL B 237 -10.80 33.27 -19.10
C VAL B 237 -10.66 31.83 -18.60
N PHE B 238 -11.05 31.63 -17.34
CA PHE B 238 -11.06 30.29 -16.77
C PHE B 238 -12.26 30.13 -15.85
N GLY B 239 -12.89 28.97 -15.92
CA GLY B 239 -14.02 28.62 -15.07
C GLY B 239 -13.60 27.57 -14.07
N ASP B 240 -14.11 27.69 -12.84
CA ASP B 240 -13.70 26.84 -11.74
C ASP B 240 -14.80 25.83 -11.39
N GLU B 241 -14.53 25.01 -10.38
CA GLU B 241 -15.45 23.97 -9.94
C GLU B 241 -16.65 24.51 -9.18
N ASN B 242 -16.61 25.77 -8.75
CA ASN B 242 -17.70 26.35 -7.98
C ASN B 242 -18.70 27.10 -8.86
N GLY B 243 -18.46 27.18 -10.16
CA GLY B 243 -19.34 27.88 -11.07
C GLY B 243 -18.90 29.29 -11.43
N THR B 244 -17.70 29.70 -11.03
CA THR B 244 -17.23 31.06 -11.28
C THR B 244 -16.40 31.11 -12.55
N VAL B 245 -16.69 32.11 -13.38
CA VAL B 245 -15.92 32.40 -14.58
C VAL B 245 -15.11 33.66 -14.32
N SER B 246 -13.81 33.61 -14.60
CA SER B 246 -12.91 34.71 -14.31
C SER B 246 -12.15 35.13 -15.56
N LEU B 247 -11.98 36.44 -15.70
CA LEU B 247 -11.24 37.08 -16.79
C LEU B 247 -9.92 37.58 -16.24
N VAL B 248 -8.81 37.14 -16.85
CA VAL B 248 -7.47 37.30 -16.31
C VAL B 248 -6.54 37.81 -17.43
N ASP B 249 -5.65 38.73 -17.07
CA ASP B 249 -4.58 39.21 -17.94
C ASP B 249 -3.27 38.57 -17.50
N THR B 250 -2.50 38.08 -18.47
CA THR B 250 -1.26 37.36 -18.14
C THR B 250 -0.20 38.29 -17.58
N LYS B 251 -0.03 39.47 -18.19
CA LYS B 251 1.00 40.39 -17.72
C LYS B 251 0.73 40.84 -16.29
N SER B 252 -0.53 41.20 -16.00
CA SER B 252 -0.88 41.63 -14.65
C SER B 252 -1.09 40.47 -13.69
N THR B 253 -1.21 39.25 -14.21
CA THR B 253 -1.61 38.04 -13.47
C THR B 253 -2.55 38.34 -12.32
N SER B 254 -3.59 39.13 -12.58
CA SER B 254 -4.62 39.47 -11.61
C SER B 254 -5.97 39.11 -12.18
N CYS B 255 -6.84 38.54 -11.32
CA CYS B 255 -8.21 38.25 -11.72
C CYS B 255 -8.93 39.56 -12.05
N VAL B 256 -8.85 39.98 -13.32
CA VAL B 256 -9.40 41.26 -13.72
C VAL B 256 -10.90 41.31 -13.40
N LEU B 257 -11.60 40.21 -13.59
CA LEU B 257 -13.00 40.16 -13.19
C LEU B 257 -13.40 38.73 -12.92
N SER B 258 -14.54 38.56 -12.24
CA SER B 258 -15.09 37.24 -11.98
C SER B 258 -16.60 37.36 -11.81
N SER B 259 -17.29 36.26 -12.09
CA SER B 259 -18.75 36.24 -12.00
C SER B 259 -19.22 34.83 -11.68
N ALA B 260 -20.17 34.74 -10.74
CA ALA B 260 -20.81 33.47 -10.40
C ALA B 260 -21.85 33.16 -11.47
N VAL B 261 -21.40 32.55 -12.57
CA VAL B 261 -22.26 32.32 -13.71
C VAL B 261 -23.09 31.05 -13.52
N HIS B 262 -22.50 30.02 -12.92
CA HIS B 262 -23.14 28.72 -12.81
C HIS B 262 -23.16 28.27 -11.36
N SER B 263 -24.05 27.32 -11.07
CA SER B 263 -24.17 26.72 -9.75
C SER B 263 -23.31 25.47 -9.59
N GLN B 264 -22.68 25.00 -10.66
CA GLN B 264 -21.81 23.83 -10.60
C GLN B 264 -20.56 24.09 -11.44
N CYS B 265 -19.69 23.09 -11.50
CA CYS B 265 -18.40 23.22 -12.17
C CYS B 265 -18.55 23.71 -13.61
N VAL B 266 -17.65 24.60 -14.01
CA VAL B 266 -17.63 25.12 -15.37
C VAL B 266 -16.74 24.21 -16.22
N THR B 267 -17.36 23.46 -17.13
CA THR B 267 -16.65 22.45 -17.90
C THR B 267 -16.13 22.94 -19.24
N GLY B 268 -16.64 24.06 -19.75
CA GLY B 268 -16.23 24.55 -21.05
C GLY B 268 -16.40 26.04 -21.19
N LEU B 269 -15.51 26.65 -21.97
CA LEU B 269 -15.56 28.08 -22.27
C LEU B 269 -15.14 28.26 -23.72
N VAL B 270 -16.07 28.76 -24.55
CA VAL B 270 -15.84 28.92 -25.98
C VAL B 270 -16.24 30.33 -26.38
N PHE B 271 -15.28 31.10 -26.89
CA PHE B 271 -15.56 32.43 -27.38
C PHE B 271 -16.21 32.37 -28.77
N SER B 272 -16.98 33.41 -29.09
CA SER B 272 -17.64 33.51 -30.38
C SER B 272 -16.68 34.10 -31.41
N PRO B 273 -16.97 33.93 -32.71
CA PRO B 273 -16.12 34.54 -33.74
C PRO B 273 -16.35 36.02 -33.95
N HIS B 274 -17.28 36.63 -33.20
CA HIS B 274 -17.60 38.04 -33.39
C HIS B 274 -16.36 38.91 -33.16
N SER B 275 -16.37 40.10 -33.78
CA SER B 275 -15.27 41.03 -33.62
C SER B 275 -15.03 41.35 -32.15
N VAL B 276 -16.08 41.79 -31.45
CA VAL B 276 -16.08 41.82 -29.99
C VAL B 276 -16.80 40.56 -29.54
N PRO B 277 -16.08 39.54 -29.09
CA PRO B 277 -16.66 38.21 -28.96
C PRO B 277 -17.50 38.03 -27.70
N PHE B 278 -18.53 37.20 -27.83
CA PHE B 278 -19.26 36.70 -26.68
C PHE B 278 -18.53 35.50 -26.08
N LEU B 279 -18.91 35.13 -24.86
CA LEU B 279 -18.30 34.02 -24.15
C LEU B 279 -19.36 33.00 -23.79
N ALA B 280 -19.25 31.81 -24.34
CA ALA B 280 -20.16 30.71 -24.00
C ALA B 280 -19.58 29.92 -22.83
N SER B 281 -20.37 29.75 -21.78
CA SER B 281 -19.98 29.01 -20.60
C SER B 281 -20.92 27.82 -20.40
N LEU B 282 -20.31 26.68 -20.10
CA LEU B 282 -20.99 25.40 -19.99
C LEU B 282 -20.73 24.84 -18.59
N SER B 283 -21.74 24.20 -18.01
CA SER B 283 -21.58 23.70 -16.65
C SER B 283 -22.34 22.40 -16.46
N GLU B 284 -22.00 21.71 -15.37
CA GLU B 284 -22.71 20.51 -14.96
C GLU B 284 -24.05 20.81 -14.30
N ASP B 285 -24.44 22.09 -14.20
CA ASP B 285 -25.78 22.45 -13.81
C ASP B 285 -26.76 22.33 -14.96
N CYS B 286 -26.31 21.80 -16.11
CA CYS B 286 -27.15 21.52 -17.27
C CYS B 286 -27.67 22.79 -17.93
N SER B 287 -26.90 23.87 -17.85
CA SER B 287 -27.30 25.15 -18.44
C SER B 287 -26.19 25.70 -19.31
N LEU B 288 -26.59 26.45 -20.33
CA LEU B 288 -25.66 27.19 -21.18
C LEU B 288 -25.83 28.69 -20.91
N ALA B 289 -24.72 29.39 -20.76
CA ALA B 289 -24.77 30.83 -20.59
C ALA B 289 -23.93 31.51 -21.66
N VAL B 290 -24.36 32.71 -22.05
CA VAL B 290 -23.65 33.54 -23.02
C VAL B 290 -23.45 34.90 -22.38
N LEU B 291 -22.19 35.28 -22.18
CA LEU B 291 -21.77 36.47 -21.47
C LEU B 291 -21.06 37.43 -22.42
N ASP B 292 -20.87 38.67 -21.96
CA ASP B 292 -20.25 39.72 -22.75
C ASP B 292 -18.81 39.95 -22.31
N SER B 293 -18.28 41.13 -22.62
CA SER B 293 -16.88 41.45 -22.33
C SER B 293 -16.62 41.58 -20.84
N SER B 294 -17.63 41.96 -20.06
CA SER B 294 -17.50 42.08 -18.61
C SER B 294 -18.16 40.92 -17.87
N LEU B 295 -18.33 39.79 -18.53
CA LEU B 295 -18.87 38.56 -17.92
C LEU B 295 -20.28 38.79 -17.35
N SER B 296 -21.08 39.58 -18.06
CA SER B 296 -22.47 39.81 -17.69
C SER B 296 -23.37 38.90 -18.51
N GLU B 297 -24.39 38.34 -17.86
CA GLU B 297 -25.23 37.33 -18.49
C GLU B 297 -26.09 37.96 -19.58
N LEU B 298 -25.91 37.51 -20.81
CA LEU B 298 -26.72 37.96 -21.94
C LEU B 298 -27.74 36.93 -22.41
N PHE B 299 -27.39 35.65 -22.37
CA PHE B 299 -28.33 34.60 -22.74
C PHE B 299 -28.17 33.40 -21.81
N ARG B 300 -29.26 32.67 -21.63
CA ARG B 300 -29.26 31.49 -20.76
C ARG B 300 -30.23 30.46 -21.32
N SER B 301 -29.80 29.20 -21.33
CA SER B 301 -30.59 28.10 -21.86
C SER B 301 -30.58 26.93 -20.89
N GLN B 302 -31.78 26.43 -20.57
CA GLN B 302 -31.96 25.23 -19.75
C GLN B 302 -32.43 24.05 -20.59
N ALA B 303 -32.23 24.10 -21.90
CA ALA B 303 -32.80 23.11 -22.80
C ALA B 303 -32.28 21.70 -22.47
N HIS B 304 -31.02 21.58 -22.12
CA HIS B 304 -30.46 20.29 -21.78
C HIS B 304 -31.02 19.78 -20.45
N ARG B 305 -31.13 18.46 -20.35
CA ARG B 305 -31.55 17.79 -19.12
C ARG B 305 -30.41 17.01 -18.49
N ASP B 306 -29.19 17.18 -18.98
CA ASP B 306 -28.01 16.55 -18.42
C ASP B 306 -26.84 17.53 -18.58
N PHE B 307 -25.64 17.07 -18.20
CA PHE B 307 -24.45 17.91 -18.28
C PHE B 307 -24.27 18.45 -19.68
N VAL B 308 -23.97 19.75 -19.78
CA VAL B 308 -23.65 20.38 -21.06
C VAL B 308 -22.16 20.18 -21.30
N ARG B 309 -21.83 19.49 -22.39
CA ARG B 309 -20.46 19.00 -22.61
C ARG B 309 -19.64 19.88 -23.54
N ASP B 310 -20.19 20.26 -24.70
CA ASP B 310 -19.44 21.07 -25.64
C ASP B 310 -20.35 22.08 -26.33
N ALA B 311 -19.71 23.16 -26.83
CA ALA B 311 -20.38 24.25 -27.52
C ALA B 311 -19.48 24.74 -28.66
N THR B 312 -20.10 25.09 -29.77
CA THR B 312 -19.37 25.57 -30.94
C THR B 312 -20.24 26.57 -31.68
N TRP B 313 -19.65 27.70 -32.07
CA TRP B 313 -20.39 28.73 -32.79
C TRP B 313 -20.35 28.46 -34.28
N SER B 314 -21.44 28.79 -34.96
CA SER B 314 -21.53 28.52 -36.38
C SER B 314 -20.63 29.48 -37.16
N PRO B 315 -19.78 28.97 -38.06
CA PRO B 315 -19.00 29.85 -38.92
C PRO B 315 -19.80 30.48 -40.05
N LEU B 316 -21.07 30.09 -40.21
CA LEU B 316 -21.96 30.66 -41.22
C LEU B 316 -22.94 31.67 -40.64
N ASN B 317 -23.48 31.38 -39.46
CA ASN B 317 -24.42 32.24 -38.76
C ASN B 317 -23.82 32.50 -37.38
N HIS B 318 -23.09 33.62 -37.25
CA HIS B 318 -22.33 33.91 -36.04
C HIS B 318 -23.20 34.15 -34.81
N SER B 319 -24.52 34.16 -34.95
CA SER B 319 -25.42 34.24 -33.80
C SER B 319 -26.03 32.88 -33.45
N LEU B 320 -25.59 31.82 -34.13
CA LEU B 320 -26.09 30.47 -33.92
C LEU B 320 -25.05 29.66 -33.17
N LEU B 321 -25.44 29.07 -32.05
CA LEU B 321 -24.51 28.36 -31.17
C LEU B 321 -25.05 26.96 -30.91
N THR B 322 -24.23 25.95 -31.20
CA THR B 322 -24.64 24.56 -31.06
C THR B 322 -24.00 23.95 -29.82
N THR B 323 -24.84 23.38 -28.94
CA THR B 323 -24.38 22.75 -27.72
C THR B 323 -24.79 21.27 -27.72
N VAL B 324 -23.91 20.44 -27.14
CA VAL B 324 -24.17 19.02 -26.96
C VAL B 324 -23.88 18.65 -25.52
N GLY B 325 -24.68 17.71 -25.00
CA GLY B 325 -24.55 17.21 -23.66
C GLY B 325 -24.88 15.73 -23.49
N TRP B 326 -24.91 15.25 -22.24
CA TRP B 326 -25.08 13.82 -21.99
C TRP B 326 -26.53 13.36 -22.09
N ASP B 327 -27.48 14.26 -22.37
CA ASP B 327 -28.84 13.84 -22.67
C ASP B 327 -29.02 13.48 -24.14
N HIS B 328 -27.92 13.28 -24.87
CA HIS B 328 -27.93 12.94 -26.28
C HIS B 328 -28.66 14.00 -27.13
N GLN B 329 -28.67 15.23 -26.65
CA GLN B 329 -29.41 16.31 -27.30
C GLN B 329 -28.45 17.30 -27.93
N VAL B 330 -28.72 17.66 -29.17
CA VAL B 330 -27.97 18.70 -29.89
C VAL B 330 -28.90 19.89 -30.05
N VAL B 331 -28.54 21.01 -29.42
CA VAL B 331 -29.40 22.19 -29.38
C VAL B 331 -28.73 23.32 -30.16
N HIS B 332 -29.50 23.94 -31.06
CA HIS B 332 -29.04 25.08 -31.85
C HIS B 332 -29.75 26.32 -31.33
N HIS B 333 -29.03 27.10 -30.51
CA HIS B 333 -29.58 28.33 -29.94
C HIS B 333 -29.32 29.50 -30.87
N VAL B 334 -30.32 30.38 -30.97
CA VAL B 334 -30.13 31.70 -31.56
C VAL B 334 -29.84 32.68 -30.44
N VAL B 335 -28.75 33.42 -30.57
CA VAL B 335 -28.23 34.26 -29.49
C VAL B 335 -28.47 35.72 -29.86
N PRO B 336 -29.18 36.49 -29.02
CA PRO B 336 -29.39 37.93 -29.23
C PRO B 336 -28.13 38.75 -29.00
#